data_9NTJ
#
_entry.id   9NTJ
#
_cell.length_a   67.349
_cell.length_b   109.609
_cell.length_c   171.555
_cell.angle_alpha   90.000
_cell.angle_beta   90.000
_cell.angle_gamma   90.000
#
_symmetry.space_group_name_H-M   'P 21 21 21'
#
loop_
_entity.id
_entity.type
_entity.pdbx_description
1 polymer 'Adenosine deaminase AGSA,Adenosine deaminase AGSA,AMP deaminase'
2 branched alpha-D-mannopyranose-(1-6)-beta-D-mannopyranose-(1-4)-2-acetamido-2-deoxy-beta-D-glucopyranose-(1-4)-2-acetamido-2-deoxy-beta-D-glucopyranose
3 non-polymer 2-acetamido-2-deoxy-beta-D-glucopyranose
4 non-polymer 1,2-ETHANEDIOL
5 non-polymer 'ZINC ION'
6 non-polymer "2'-DEOXYCOFORMYCIN"
7 water water
#
_entity_poly.entity_id   1
_entity_poly.type   'polypeptide(L)'
_entity_poly.pdbx_seq_one_letter_code
;MSSFSTHNFVAIATFVCWFCCLATAAPLTSKAAYLLKRNSLIEEDASRKLGAKIVLTNEEKVLDDFILAEKRKLIDDSRL
NQTEYMPAASFYRSKDFIDTTFAYKIIQDMPKGGALHLHDTASARIDWIVSNATYRDHVYMCMDQDNFVRLTVSGTGPPA
NSGCEWKLVETERANSGDIAAFDHWLKSNISLLTTDPLVTYPSLDKVWGRFDKHFSQLRGIIYHTPIRRDYYRQILEEFR
SDNVQYVEVRSSLSGFFELDGTVHDAEFGLNLYKSVTEEFQREYPDFIGAKIILSGLRFKSQEEILNEVKIAMDLHKKYP
DFFLGYDLVGQEDPNFSLLHYLDALLYPSIQNPPYRLPYFFHAAETNWQETEVDYNLADALLLNTTRVGHGFALIKHPRF
TELAKENGVAVEVNPISNQILGLVRDVRNHALVPLIADDYPIVISSDDPGAWEASPLSHDFYVALMDLCGRDTALTFLKQ
LALNSIRYSAMSDTEKVAAKAKWTTQWDKFVKTSVEGLKPHINDRSHHHHHHHHHH
;
_entity_poly.pdbx_strand_id   A,B
#
# COMPACT_ATOMS: atom_id res chain seq x y z
N LEU A 28 -25.91 25.77 20.55
CA LEU A 28 -27.11 25.45 21.33
C LEU A 28 -27.24 23.94 21.54
N THR A 29 -27.84 23.27 20.55
CA THR A 29 -28.05 21.83 20.64
C THR A 29 -26.72 21.11 20.82
N SER A 30 -26.73 20.06 21.65
CA SER A 30 -25.55 19.21 21.77
C SER A 30 -25.13 18.66 20.42
N LYS A 31 -26.09 18.38 19.54
CA LYS A 31 -25.77 18.00 18.17
C LYS A 31 -25.04 19.13 17.45
N ALA A 32 -25.49 20.36 17.63
CA ALA A 32 -24.82 21.50 16.99
C ALA A 32 -23.41 21.70 17.52
N ALA A 33 -23.22 21.57 18.83
CA ALA A 33 -21.88 21.68 19.40
C ALA A 33 -20.97 20.56 18.88
N TYR A 34 -21.52 19.35 18.79
CA TYR A 34 -20.76 18.24 18.23
C TYR A 34 -20.37 18.53 16.78
N LEU A 35 -21.29 19.11 16.00
CA LEU A 35 -20.98 19.43 14.61
C LEU A 35 -19.92 20.52 14.50
N LEU A 36 -19.98 21.51 15.38
CA LEU A 36 -18.95 22.55 15.40
C LEU A 36 -17.58 21.95 15.72
N LYS A 37 -17.52 21.07 16.71
CA LYS A 37 -16.26 20.41 17.04
C LYS A 37 -15.79 19.52 15.90
N ARG A 38 -16.73 18.87 15.21
CA ARG A 38 -16.39 18.03 14.06
C ARG A 38 -15.78 18.86 12.94
N ASN A 39 -16.39 20.01 12.65
CA ASN A 39 -15.82 20.90 11.63
C ASN A 39 -14.44 21.38 12.04
N SER A 40 -14.27 21.73 13.31
CA SER A 40 -12.95 22.11 13.80
C SER A 40 -11.92 21.01 13.54
N LEU A 41 -12.24 19.79 13.95
CA LEU A 41 -11.28 18.69 13.81
C LEU A 41 -11.00 18.36 12.35
N ILE A 42 -12.04 18.33 11.51
CA ILE A 42 -11.86 17.94 10.12
C ILE A 42 -11.09 19.01 9.36
N GLU A 43 -11.38 20.29 9.61
CA GLU A 43 -10.60 21.36 9.00
C GLU A 43 -9.16 21.32 9.48
N GLU A 44 -8.96 21.06 10.78
CA GLU A 44 -7.61 20.96 11.32
C GLU A 44 -6.82 19.85 10.64
N ASP A 45 -7.47 18.73 10.36
CA ASP A 45 -6.78 17.62 9.70
C ASP A 45 -6.55 17.90 8.21
N ALA A 46 -7.55 18.44 7.52
CA ALA A 46 -7.47 18.63 6.08
C ALA A 46 -6.68 19.85 5.66
N SER A 47 -6.35 20.75 6.59
CA SER A 47 -5.51 21.89 6.26
C SER A 47 -4.03 21.54 6.20
N ARG A 48 -3.65 20.32 6.54
CA ARG A 48 -2.26 19.91 6.56
C ARG A 48 -1.80 19.28 5.26
N LYS A 49 -2.69 19.10 4.30
CA LYS A 49 -2.31 18.49 3.03
C LYS A 49 -1.40 19.43 2.23
N LEU A 50 -0.59 18.84 1.36
CA LEU A 50 0.26 19.65 0.49
C LEU A 50 -0.61 20.50 -0.42
N GLY A 51 -0.27 21.79 -0.52
CA GLY A 51 -1.01 22.71 -1.33
C GLY A 51 -2.15 23.44 -0.63
N ALA A 52 -2.38 23.16 0.66
CA ALA A 52 -3.44 23.87 1.37
C ALA A 52 -3.18 25.37 1.42
N LYS A 53 -1.91 25.77 1.41
CA LYS A 53 -1.53 27.17 1.40
C LYS A 53 -1.92 27.90 0.11
N ILE A 54 -2.29 27.16 -0.94
CA ILE A 54 -2.62 27.78 -2.22
C ILE A 54 -3.92 28.57 -2.09
N VAL A 55 -3.91 29.81 -2.56
CA VAL A 55 -5.11 30.62 -2.70
C VAL A 55 -5.41 30.78 -4.18
N LEU A 56 -6.65 30.52 -4.56
CA LEU A 56 -7.06 30.52 -5.96
C LEU A 56 -7.85 31.78 -6.27
N THR A 57 -7.53 32.40 -7.41
CA THR A 57 -8.39 33.45 -7.94
C THR A 57 -9.71 32.83 -8.39
N ASN A 58 -10.67 33.70 -8.72
CA ASN A 58 -12.01 33.22 -9.05
C ASN A 58 -11.98 32.32 -10.28
N GLU A 59 -11.20 32.69 -11.30
CA GLU A 59 -11.05 31.85 -12.48
C GLU A 59 -10.37 30.52 -12.13
N GLU A 60 -9.36 30.58 -11.27
CA GLU A 60 -8.73 29.35 -10.80
C GLU A 60 -9.73 28.48 -10.06
N LYS A 61 -10.64 29.10 -9.31
CA LYS A 61 -11.70 28.33 -8.65
C LYS A 61 -12.67 27.75 -9.67
N VAL A 62 -12.90 28.44 -10.79
CA VAL A 62 -13.73 27.86 -11.85
C VAL A 62 -13.09 26.58 -12.38
N LEU A 63 -11.79 26.65 -12.67
CA LEU A 63 -11.08 25.45 -13.15
C LEU A 63 -11.06 24.35 -12.09
N ASP A 64 -10.87 24.74 -10.83
CA ASP A 64 -10.86 23.77 -9.74
C ASP A 64 -12.21 23.07 -9.61
N ASP A 65 -13.31 23.82 -9.74
CA ASP A 65 -14.63 23.21 -9.71
C ASP A 65 -14.83 22.28 -10.90
N PHE A 66 -14.33 22.69 -12.08
CA PHE A 66 -14.44 21.84 -13.26
C PHE A 66 -13.76 20.49 -13.01
N ILE A 67 -12.57 20.51 -12.42
CA ILE A 67 -11.86 19.26 -12.13
C ILE A 67 -12.56 18.48 -11.02
N LEU A 68 -13.02 19.20 -9.97
CA LEU A 68 -13.64 18.55 -8.83
C LEU A 68 -14.91 17.82 -9.21
N ALA A 69 -15.70 18.38 -10.12
CA ALA A 69 -16.93 17.71 -10.54
C ALA A 69 -16.64 16.33 -11.10
N GLU A 70 -15.71 16.25 -12.05
CA GLU A 70 -15.39 14.96 -12.66
C GLU A 70 -14.78 14.00 -11.65
N LYS A 71 -13.83 14.49 -10.84
CA LYS A 71 -13.18 13.60 -9.88
C LYS A 71 -14.18 13.05 -8.87
N ARG A 72 -15.06 13.91 -8.36
CA ARG A 72 -16.04 13.47 -7.38
C ARG A 72 -17.08 12.54 -8.00
N LYS A 73 -17.47 12.79 -9.25
CA LYS A 73 -18.38 11.87 -9.93
C LYS A 73 -17.75 10.48 -10.04
N LEU A 74 -16.48 10.42 -10.45
CA LEU A 74 -15.80 9.13 -10.57
C LEU A 74 -15.69 8.44 -9.22
N ILE A 75 -15.29 9.20 -8.18
CA ILE A 75 -15.10 8.61 -6.85
C ILE A 75 -16.42 8.05 -6.33
N ASP A 76 -17.50 8.84 -6.44
CA ASP A 76 -18.77 8.41 -5.90
C ASP A 76 -19.36 7.26 -6.71
N ASP A 77 -19.18 7.29 -8.03
CA ASP A 77 -19.66 6.19 -8.87
C ASP A 77 -18.95 4.89 -8.52
N SER A 78 -17.64 4.95 -8.29
CA SER A 78 -16.92 3.75 -7.88
C SER A 78 -17.35 3.29 -6.49
N ARG A 79 -17.51 4.24 -5.55
CA ARG A 79 -17.74 3.87 -4.16
C ARG A 79 -19.14 3.31 -3.95
N LEU A 80 -20.15 4.02 -4.44
CA LEU A 80 -21.54 3.71 -4.10
C LEU A 80 -22.16 2.68 -5.03
N ASN A 81 -21.87 2.77 -6.33
CA ASN A 81 -22.36 1.78 -7.28
C ASN A 81 -21.56 0.49 -7.26
N GLN A 82 -20.47 0.43 -6.50
CA GLN A 82 -19.64 -0.76 -6.36
C GLN A 82 -19.11 -1.22 -7.72
N THR A 83 -18.43 -0.31 -8.40
CA THR A 83 -17.75 -0.58 -9.65
C THR A 83 -16.30 -0.14 -9.54
N GLU A 84 -15.48 -0.61 -10.47
CA GLU A 84 -14.05 -0.38 -10.39
C GLU A 84 -13.71 1.10 -10.55
N TYR A 85 -12.71 1.55 -9.78
CA TYR A 85 -12.20 2.92 -9.88
C TYR A 85 -11.04 2.91 -10.87
N MET A 86 -11.33 3.28 -12.11
CA MET A 86 -10.32 3.21 -13.17
C MET A 86 -9.05 4.00 -12.90
N PRO A 87 -9.10 5.22 -12.33
CA PRO A 87 -7.83 5.96 -12.13
C PRO A 87 -6.79 5.20 -11.32
N ALA A 88 -7.19 4.35 -10.39
CA ALA A 88 -6.26 3.57 -9.58
C ALA A 88 -5.92 2.22 -10.19
N ALA A 89 -6.50 1.88 -11.33
CA ALA A 89 -6.23 0.60 -11.97
C ALA A 89 -4.85 0.63 -12.64
N SER A 90 -4.48 -0.49 -13.25
CA SER A 90 -3.23 -0.56 -14.00
C SER A 90 -3.24 0.47 -15.13
N PHE A 91 -2.10 1.12 -15.33
CA PHE A 91 -2.02 2.16 -16.36
C PHE A 91 -2.32 1.61 -17.75
N TYR A 92 -2.03 0.32 -17.98
CA TYR A 92 -2.38 -0.31 -19.24
C TYR A 92 -3.88 -0.25 -19.47
N ARG A 93 -4.66 -0.65 -18.47
CA ARG A 93 -6.12 -0.67 -18.60
C ARG A 93 -6.73 0.72 -18.49
N SER A 94 -6.12 1.61 -17.72
CA SER A 94 -6.68 2.92 -17.44
C SER A 94 -6.20 4.01 -18.40
N LYS A 95 -5.26 3.71 -19.30
CA LYS A 95 -4.69 4.76 -20.12
C LYS A 95 -5.73 5.38 -21.06
N ASP A 96 -6.48 4.54 -21.78
CA ASP A 96 -7.50 5.07 -22.68
C ASP A 96 -8.60 5.80 -21.90
N PHE A 97 -9.00 5.23 -20.76
CA PHE A 97 -9.99 5.89 -19.92
C PHE A 97 -9.54 7.28 -19.51
N ILE A 98 -8.26 7.40 -19.10
CA ILE A 98 -7.71 8.71 -18.77
C ILE A 98 -7.73 9.62 -19.99
N ASP A 99 -7.38 9.07 -21.15
CA ASP A 99 -7.39 9.83 -22.39
C ASP A 99 -8.78 10.29 -22.81
N THR A 100 -9.85 9.74 -22.21
CA THR A 100 -11.21 10.15 -22.52
C THR A 100 -11.84 11.04 -21.44
N THR A 101 -11.06 11.57 -20.50
CA THR A 101 -11.60 12.41 -19.44
C THR A 101 -11.28 13.88 -19.69
N PHE A 102 -12.24 14.75 -19.35
CA PHE A 102 -12.04 16.19 -19.53
C PHE A 102 -10.90 16.72 -18.66
N ALA A 103 -10.81 16.21 -17.42
CA ALA A 103 -9.78 16.68 -16.51
C ALA A 103 -8.38 16.40 -17.03
N TYR A 104 -8.19 15.30 -17.76
CA TYR A 104 -6.88 15.06 -18.36
C TYR A 104 -6.57 16.09 -19.43
N LYS A 105 -7.57 16.55 -20.18
CA LYS A 105 -7.35 17.65 -21.12
C LYS A 105 -6.94 18.92 -20.38
N ILE A 106 -7.61 19.20 -19.25
CA ILE A 106 -7.25 20.36 -18.44
C ILE A 106 -5.79 20.27 -18.00
N ILE A 107 -5.37 19.09 -17.54
CA ILE A 107 -3.99 18.90 -17.10
C ILE A 107 -3.02 18.99 -18.26
N GLN A 108 -3.41 18.47 -19.43
CA GLN A 108 -2.58 18.60 -20.62
C GLN A 108 -2.30 20.06 -20.94
N ASP A 109 -3.34 20.89 -20.95
CA ASP A 109 -3.15 22.31 -21.21
C ASP A 109 -2.41 23.00 -20.08
N MET A 110 -2.38 22.40 -18.89
CA MET A 110 -1.78 23.03 -17.72
C MET A 110 -0.26 22.99 -17.80
N PRO A 111 0.42 24.13 -17.61
CA PRO A 111 1.88 24.11 -17.45
C PRO A 111 2.28 23.65 -16.06
N LYS A 112 2.91 22.47 -15.99
CA LYS A 112 3.20 21.81 -14.72
C LYS A 112 4.59 22.10 -14.20
N GLY A 113 5.35 22.96 -14.85
CA GLY A 113 6.65 23.39 -14.34
C GLY A 113 7.78 22.46 -14.81
N GLY A 114 8.32 21.67 -13.88
CA GLY A 114 9.50 20.89 -14.15
C GLY A 114 9.32 19.42 -13.83
N ALA A 115 10.01 18.58 -14.61
CA ALA A 115 10.08 17.14 -14.38
C ALA A 115 11.50 16.85 -13.92
N LEU A 116 11.67 16.68 -12.60
CA LEU A 116 13.00 16.62 -12.00
C LEU A 116 13.61 15.23 -11.97
N HIS A 117 12.84 14.19 -12.30
CA HIS A 117 13.32 12.80 -12.22
C HIS A 117 13.07 12.11 -13.55
N LEU A 118 14.06 12.18 -14.45
CA LEU A 118 13.96 11.56 -15.76
C LEU A 118 15.25 10.83 -16.08
N HIS A 119 15.15 9.86 -16.97
CA HIS A 119 16.31 9.15 -17.51
C HIS A 119 16.34 9.35 -19.01
N ASP A 120 17.52 9.70 -19.55
CA ASP A 120 17.61 10.22 -20.91
C ASP A 120 17.27 9.20 -21.99
N THR A 121 17.41 7.90 -21.71
CA THR A 121 17.24 6.91 -22.75
C THR A 121 15.79 6.44 -22.92
N ALA A 122 14.89 6.85 -22.04
CA ALA A 122 13.49 6.43 -22.16
C ALA A 122 12.54 7.56 -21.83
N SER A 123 12.85 8.78 -22.30
CA SER A 123 12.02 9.95 -22.04
C SER A 123 11.38 10.51 -23.31
N ALA A 124 11.46 9.81 -24.43
CA ALA A 124 10.80 10.22 -25.66
C ALA A 124 10.03 9.04 -26.23
N ARG A 125 9.11 9.34 -27.14
CA ARG A 125 8.25 8.30 -27.70
C ARG A 125 9.07 7.23 -28.41
N ILE A 126 8.70 5.97 -28.17
CA ILE A 126 9.26 4.87 -28.96
C ILE A 126 8.89 5.04 -30.42
N ASP A 127 7.75 5.68 -30.69
CA ASP A 127 7.33 5.93 -32.07
C ASP A 127 8.35 6.77 -32.83
N TRP A 128 9.02 7.69 -32.14
CA TRP A 128 10.08 8.46 -32.81
C TRP A 128 11.24 7.56 -33.20
N ILE A 129 11.63 6.63 -32.32
CA ILE A 129 12.69 5.69 -32.68
C ILE A 129 12.27 4.83 -33.86
N VAL A 130 11.02 4.38 -33.86
CA VAL A 130 10.55 3.48 -34.92
C VAL A 130 10.47 4.21 -36.25
N SER A 131 9.87 5.39 -36.28
CA SER A 131 9.59 6.09 -37.53
C SER A 131 10.72 6.99 -38.00
N ASN A 132 11.70 7.27 -37.15
CA ASN A 132 12.82 8.13 -37.51
C ASN A 132 14.16 7.41 -37.41
N ALA A 133 14.45 6.78 -36.27
CA ALA A 133 15.78 6.23 -36.04
C ALA A 133 16.03 4.98 -36.89
N THR A 134 15.06 4.07 -36.94
CA THR A 134 15.25 2.82 -37.69
C THR A 134 15.06 3.00 -39.18
N TYR A 135 14.84 4.22 -39.67
CA TYR A 135 14.80 4.51 -41.10
C TYR A 135 16.13 5.02 -41.64
N ARG A 136 17.14 5.15 -40.79
CA ARG A 136 18.42 5.70 -41.20
C ARG A 136 19.32 4.61 -41.79
N ASP A 137 20.39 5.05 -42.44
CA ASP A 137 21.35 4.12 -43.01
C ASP A 137 22.13 3.41 -41.92
N HIS A 138 22.50 2.16 -42.20
CA HIS A 138 23.33 1.32 -41.35
C HIS A 138 22.64 0.95 -40.03
N VAL A 139 21.31 1.00 -39.98
CA VAL A 139 20.57 0.57 -38.79
C VAL A 139 20.18 -0.89 -38.98
N TYR A 140 20.57 -1.73 -38.03
CA TYR A 140 20.37 -3.16 -38.10
C TYR A 140 19.47 -3.64 -36.95
N MET A 141 18.84 -4.79 -37.17
CA MET A 141 17.98 -5.42 -36.18
C MET A 141 18.28 -6.90 -36.14
N CYS A 142 17.89 -7.53 -35.03
CA CYS A 142 18.01 -8.98 -34.91
C CYS A 142 17.13 -9.48 -33.77
N MET A 143 16.61 -10.69 -33.91
CA MET A 143 15.80 -11.32 -32.88
C MET A 143 16.69 -12.19 -32.01
N ASP A 144 16.78 -11.83 -30.72
CA ASP A 144 17.73 -12.50 -29.83
C ASP A 144 17.17 -13.83 -29.35
N GLN A 145 17.87 -14.47 -28.41
CA GLN A 145 17.46 -15.77 -27.89
C GLN A 145 16.20 -15.71 -27.05
N ASP A 146 15.76 -14.51 -26.65
CA ASP A 146 14.58 -14.34 -25.81
C ASP A 146 13.37 -13.85 -26.59
N ASN A 147 13.43 -13.88 -27.93
CA ASN A 147 12.34 -13.39 -28.79
C ASN A 147 12.04 -11.92 -28.52
N PHE A 148 13.11 -11.12 -28.42
CA PHE A 148 13.04 -9.68 -28.30
C PHE A 148 13.88 -9.04 -29.40
N VAL A 149 13.31 -8.04 -30.06
CA VAL A 149 14.02 -7.38 -31.15
C VAL A 149 15.10 -6.46 -30.58
N ARG A 150 16.28 -6.48 -31.20
CA ARG A 150 17.41 -5.65 -30.82
C ARG A 150 17.79 -4.79 -32.01
N LEU A 151 18.00 -3.50 -31.76
CA LEU A 151 18.36 -2.53 -32.80
C LEU A 151 19.72 -1.94 -32.49
N THR A 152 20.53 -1.77 -33.52
CA THR A 152 21.87 -1.20 -33.36
C THR A 152 22.25 -0.44 -34.62
N VAL A 153 23.39 0.25 -34.55
CA VAL A 153 23.95 0.96 -35.69
C VAL A 153 25.40 0.51 -35.86
N SER A 154 25.72 0.01 -37.05
CA SER A 154 27.07 -0.43 -37.38
C SER A 154 27.41 0.05 -38.78
N GLY A 155 28.41 0.93 -38.90
CA GLY A 155 28.76 1.49 -40.20
C GLY A 155 29.65 0.60 -41.05
N THR A 156 30.37 -0.33 -40.42
CA THR A 156 31.28 -1.22 -41.14
C THR A 156 30.60 -2.54 -41.46
N GLY A 157 29.50 -2.44 -42.21
CA GLY A 157 28.74 -3.59 -42.61
C GLY A 157 27.96 -4.17 -41.45
N PRO A 158 27.40 -5.37 -41.64
CA PRO A 158 26.64 -6.01 -40.56
C PRO A 158 27.52 -6.27 -39.36
N PRO A 159 26.99 -6.12 -38.15
CA PRO A 159 27.83 -6.25 -36.95
C PRO A 159 28.23 -7.70 -36.70
N ALA A 160 29.39 -7.86 -36.05
CA ALA A 160 29.96 -9.17 -35.79
C ALA A 160 29.27 -9.78 -34.58
N ASN A 161 28.36 -10.72 -34.81
CA ASN A 161 27.70 -11.43 -33.72
C ASN A 161 27.09 -12.71 -34.27
N SER A 162 27.35 -13.82 -33.59
CA SER A 162 26.75 -15.11 -33.94
C SER A 162 25.61 -15.49 -33.02
N GLY A 163 25.49 -14.87 -31.85
CA GLY A 163 24.37 -15.13 -30.96
C GLY A 163 23.07 -14.49 -31.39
N CYS A 164 23.11 -13.66 -32.43
CA CYS A 164 21.91 -13.00 -32.95
C CYS A 164 22.15 -12.70 -34.42
N GLU A 165 21.26 -13.21 -35.28
CA GLU A 165 21.42 -13.07 -36.71
C GLU A 165 20.95 -11.69 -37.14
N TRP A 166 21.89 -10.82 -37.49
CA TRP A 166 21.57 -9.42 -37.78
C TRP A 166 21.10 -9.27 -39.23
N LYS A 167 20.02 -8.52 -39.41
CA LYS A 167 19.49 -8.18 -40.72
C LYS A 167 19.28 -6.68 -40.80
N LEU A 168 19.56 -6.11 -41.96
CA LEU A 168 19.37 -4.68 -42.16
C LEU A 168 17.89 -4.32 -42.08
N VAL A 169 17.57 -3.26 -41.35
CA VAL A 169 16.16 -2.89 -41.14
C VAL A 169 15.51 -2.46 -42.46
N GLU A 170 16.26 -1.81 -43.35
CA GLU A 170 15.69 -1.37 -44.61
C GLU A 170 15.18 -2.54 -45.43
N THR A 171 16.01 -3.58 -45.58
CA THR A 171 15.59 -4.75 -46.36
C THR A 171 14.42 -5.46 -45.71
N GLU A 172 14.43 -5.59 -44.38
CA GLU A 172 13.33 -6.26 -43.70
C GLU A 172 12.01 -5.50 -43.85
N ARG A 173 12.07 -4.17 -43.74
CA ARG A 173 10.88 -3.36 -43.95
C ARG A 173 10.39 -3.47 -45.39
N ALA A 174 11.31 -3.53 -46.35
CA ALA A 174 10.91 -3.72 -47.75
C ALA A 174 10.24 -5.08 -47.94
N ASN A 175 10.78 -6.13 -47.32
CA ASN A 175 10.24 -7.47 -47.48
C ASN A 175 8.97 -7.71 -46.68
N SER A 176 8.67 -6.84 -45.71
CA SER A 176 7.48 -7.04 -44.89
C SER A 176 6.20 -6.98 -45.71
N GLY A 177 6.18 -6.15 -46.76
CA GLY A 177 4.98 -5.96 -47.54
C GLY A 177 4.09 -4.88 -46.97
N ASP A 178 3.69 -5.02 -45.71
CA ASP A 178 2.90 -4.02 -45.01
C ASP A 178 3.83 -3.27 -44.07
N ILE A 179 4.24 -2.07 -44.48
CA ILE A 179 5.23 -1.31 -43.72
C ILE A 179 4.64 -0.81 -42.40
N ALA A 180 3.38 -0.38 -42.42
CA ALA A 180 2.75 0.13 -41.20
C ALA A 180 2.67 -0.95 -40.12
N ALA A 181 2.28 -2.17 -40.52
CA ALA A 181 2.26 -3.27 -39.57
C ALA A 181 3.66 -3.59 -39.07
N PHE A 182 4.66 -3.49 -39.93
CA PHE A 182 6.04 -3.73 -39.51
C PHE A 182 6.48 -2.72 -38.46
N ASP A 183 6.18 -1.45 -38.67
CA ASP A 183 6.54 -0.42 -37.69
C ASP A 183 5.77 -0.60 -36.39
N HIS A 184 4.49 -0.95 -36.48
CA HIS A 184 3.72 -1.18 -35.26
C HIS A 184 4.26 -2.37 -34.48
N TRP A 185 4.66 -3.44 -35.18
CA TRP A 185 5.30 -4.56 -34.50
C TRP A 185 6.63 -4.16 -33.89
N LEU A 186 7.40 -3.33 -34.60
CA LEU A 186 8.67 -2.86 -34.06
C LEU A 186 8.47 -2.11 -32.75
N LYS A 187 7.41 -1.30 -32.67
CA LYS A 187 7.07 -0.66 -31.40
C LYS A 187 6.53 -1.68 -30.39
N SER A 188 5.83 -2.71 -30.86
CA SER A 188 5.19 -3.66 -29.96
C SER A 188 6.18 -4.59 -29.29
N ASN A 189 7.28 -4.90 -29.97
CA ASN A 189 8.33 -5.74 -29.40
C ASN A 189 9.30 -4.93 -28.53
N ILE A 190 9.14 -3.61 -28.48
CA ILE A 190 10.00 -2.75 -27.70
C ILE A 190 9.27 -2.11 -26.52
N SER A 191 7.97 -1.84 -26.66
CA SER A 191 7.23 -1.13 -25.63
C SER A 191 6.82 -2.08 -24.50
N LEU A 192 6.77 -1.52 -23.29
CA LEU A 192 6.29 -2.27 -22.13
C LEU A 192 4.77 -2.30 -22.02
N LEU A 193 4.06 -1.44 -22.76
CA LEU A 193 2.62 -1.33 -22.66
C LEU A 193 1.90 -2.12 -23.75
N THR A 194 2.61 -2.94 -24.52
CA THR A 194 1.95 -3.78 -25.52
C THR A 194 0.97 -4.74 -24.85
N THR A 195 1.35 -5.32 -23.73
CA THR A 195 0.47 -6.08 -22.87
C THR A 195 0.46 -5.45 -21.48
N ASP A 196 -0.45 -5.91 -20.63
CA ASP A 196 -0.53 -5.40 -19.28
C ASP A 196 0.67 -5.90 -18.48
N PRO A 197 1.55 -5.02 -18.01
CA PRO A 197 2.71 -5.50 -17.24
C PRO A 197 2.33 -6.23 -15.97
N LEU A 198 1.21 -5.85 -15.33
CA LEU A 198 0.81 -6.52 -14.11
C LEU A 198 0.37 -7.97 -14.35
N VAL A 199 0.11 -8.34 -15.60
CA VAL A 199 -0.33 -9.67 -15.96
C VAL A 199 0.77 -10.46 -16.66
N THR A 200 1.40 -9.86 -17.67
CA THR A 200 2.43 -10.57 -18.43
C THR A 200 3.70 -10.77 -17.60
N TYR A 201 4.00 -9.85 -16.69
CA TYR A 201 5.15 -9.95 -15.79
C TYR A 201 4.66 -9.73 -14.36
N PRO A 202 3.99 -10.73 -13.77
CA PRO A 202 3.31 -10.58 -12.48
C PRO A 202 4.24 -10.76 -11.28
N SER A 203 5.42 -10.15 -11.34
CA SER A 203 6.33 -10.14 -10.20
C SER A 203 7.31 -8.99 -10.39
N LEU A 204 7.83 -8.49 -9.27
CA LEU A 204 8.82 -7.43 -9.30
C LEU A 204 10.03 -7.84 -10.13
N ASP A 205 10.50 -9.07 -9.93
CA ASP A 205 11.66 -9.57 -10.67
C ASP A 205 11.37 -9.63 -12.17
N LYS A 206 10.20 -10.15 -12.55
CA LYS A 206 9.89 -10.31 -13.97
C LYS A 206 9.75 -8.95 -14.67
N VAL A 207 9.08 -8.00 -14.03
CA VAL A 207 8.90 -6.69 -14.65
C VAL A 207 10.23 -5.95 -14.73
N TRP A 208 11.09 -6.11 -13.71
CA TRP A 208 12.42 -5.50 -13.81
C TRP A 208 13.26 -6.16 -14.90
N GLY A 209 13.10 -7.47 -15.10
CA GLY A 209 13.75 -8.11 -16.22
C GLY A 209 13.28 -7.55 -17.54
N ARG A 210 11.97 -7.31 -17.68
CA ARG A 210 11.46 -6.70 -18.90
C ARG A 210 12.00 -5.29 -19.09
N PHE A 211 12.13 -4.53 -18.00
CA PHE A 211 12.66 -3.17 -18.07
C PHE A 211 14.10 -3.17 -18.55
N ASP A 212 14.94 -4.01 -17.95
CA ASP A 212 16.33 -4.13 -18.39
C ASP A 212 16.42 -4.65 -19.83
N LYS A 213 15.51 -5.54 -20.22
CA LYS A 213 15.48 -6.00 -21.60
C LYS A 213 15.16 -4.86 -22.55
N HIS A 214 14.21 -4.00 -22.17
CA HIS A 214 13.90 -2.81 -22.97
C HIS A 214 15.14 -1.95 -23.17
N PHE A 215 15.87 -1.69 -22.08
CA PHE A 215 17.06 -0.87 -22.18
C PHE A 215 18.13 -1.53 -23.05
N SER A 216 18.31 -2.85 -22.91
CA SER A 216 19.29 -3.54 -23.75
C SER A 216 18.86 -3.55 -25.20
N GLN A 217 17.55 -3.58 -25.47
CA GLN A 217 17.06 -3.49 -26.84
C GLN A 217 17.41 -2.15 -27.46
N LEU A 218 17.23 -1.06 -26.71
CA LEU A 218 17.46 0.26 -27.28
C LEU A 218 18.90 0.75 -27.15
N ARG A 219 19.76 0.04 -26.42
CA ARG A 219 21.12 0.52 -26.16
C ARG A 219 21.90 0.69 -27.46
N GLY A 220 21.83 -0.29 -28.36
CA GLY A 220 22.67 -0.25 -29.55
C GLY A 220 22.39 0.93 -30.45
N ILE A 221 21.12 1.24 -30.66
CA ILE A 221 20.75 2.31 -31.58
C ILE A 221 20.72 3.68 -30.90
N ILE A 222 20.32 3.74 -29.62
CA ILE A 222 20.14 5.04 -28.98
C ILE A 222 21.46 5.68 -28.57
N TYR A 223 22.55 4.94 -28.55
CA TYR A 223 23.86 5.50 -28.20
C TYR A 223 24.67 5.92 -29.42
N HIS A 224 24.13 5.75 -30.64
CA HIS A 224 24.73 6.37 -31.81
C HIS A 224 24.60 7.88 -31.66
N THR A 225 25.70 8.61 -31.96
CA THR A 225 25.76 10.02 -31.64
C THR A 225 24.68 10.86 -32.33
N PRO A 226 24.47 10.77 -33.65
CA PRO A 226 23.39 11.58 -34.25
C PRO A 226 22.01 11.21 -33.73
N ILE A 227 21.74 9.91 -33.61
CA ILE A 227 20.44 9.46 -33.11
C ILE A 227 20.25 9.90 -31.67
N ARG A 228 21.29 9.83 -30.85
CA ARG A 228 21.19 10.27 -29.47
C ARG A 228 20.92 11.77 -29.38
N ARG A 229 21.62 12.57 -30.20
CA ARG A 229 21.37 14.01 -30.19
C ARG A 229 19.94 14.32 -30.59
N ASP A 230 19.45 13.66 -31.65
CA ASP A 230 18.08 13.91 -32.09
C ASP A 230 17.07 13.40 -31.07
N TYR A 231 17.38 12.32 -30.36
CA TYR A 231 16.49 11.81 -29.33
C TYR A 231 16.40 12.75 -28.15
N TYR A 232 17.54 13.34 -27.73
CA TYR A 232 17.50 14.33 -26.67
C TYR A 232 16.74 15.57 -27.11
N ARG A 233 16.93 15.99 -28.36
CA ARG A 233 16.12 17.07 -28.92
C ARG A 233 14.64 16.74 -28.84
N GLN A 234 14.28 15.49 -29.16
CA GLN A 234 12.89 15.06 -29.08
C GLN A 234 12.39 15.07 -27.64
N ILE A 235 13.25 14.70 -26.68
CA ILE A 235 12.86 14.80 -25.28
C ILE A 235 12.48 16.23 -24.94
N LEU A 236 13.33 17.18 -25.33
CA LEU A 236 13.04 18.59 -25.07
C LEU A 236 11.74 19.01 -25.73
N GLU A 237 11.55 18.65 -27.01
CA GLU A 237 10.36 19.07 -27.74
C GLU A 237 9.10 18.49 -27.14
N GLU A 238 9.11 17.20 -26.81
CA GLU A 238 7.92 16.54 -26.28
C GLU A 238 7.57 17.06 -24.90
N PHE A 239 8.58 17.32 -24.06
CA PHE A 239 8.27 17.87 -22.74
C PHE A 239 7.79 19.30 -22.83
N ARG A 240 8.32 20.09 -23.77
CA ARG A 240 7.78 21.43 -23.97
C ARG A 240 6.33 21.39 -24.45
N SER A 241 6.03 20.48 -25.39
CA SER A 241 4.69 20.40 -25.94
C SER A 241 3.66 20.02 -24.88
N ASP A 242 4.07 19.23 -23.89
CA ASP A 242 3.20 18.89 -22.78
C ASP A 242 3.15 19.99 -21.72
N ASN A 243 3.62 21.19 -22.06
CA ASN A 243 3.63 22.34 -21.16
C ASN A 243 4.50 22.11 -19.92
N VAL A 244 5.57 21.34 -20.08
CA VAL A 244 6.62 21.23 -19.08
C VAL A 244 7.82 22.01 -19.61
N GLN A 245 8.26 23.00 -18.85
CA GLN A 245 9.23 23.97 -19.36
C GLN A 245 10.66 23.72 -18.87
N TYR A 246 10.84 22.91 -17.84
CA TYR A 246 12.16 22.64 -17.28
C TYR A 246 12.29 21.15 -16.99
N VAL A 247 13.47 20.59 -17.22
CA VAL A 247 13.71 19.18 -16.95
C VAL A 247 15.10 19.01 -16.33
N GLU A 248 15.25 17.97 -15.53
CA GLU A 248 16.53 17.55 -14.97
C GLU A 248 16.71 16.07 -15.33
N VAL A 249 17.56 15.82 -16.31
CA VAL A 249 17.66 14.52 -16.96
C VAL A 249 18.89 13.79 -16.45
N ARG A 250 18.71 12.52 -16.07
CA ARG A 250 19.82 11.67 -15.65
C ARG A 250 20.34 10.89 -16.86
N SER A 251 21.66 10.92 -17.04
CA SER A 251 22.28 10.32 -18.21
C SER A 251 23.62 9.73 -17.83
N SER A 252 24.01 8.65 -18.52
CA SER A 252 25.34 8.09 -18.36
C SER A 252 26.40 8.89 -19.10
N LEU A 253 25.99 9.57 -20.18
CA LEU A 253 26.78 10.60 -20.87
C LEU A 253 27.95 10.05 -21.68
N SER A 254 28.26 8.76 -21.54
CA SER A 254 29.42 8.18 -22.17
C SER A 254 29.02 7.00 -23.05
N GLY A 255 29.88 6.70 -24.02
CA GLY A 255 29.63 5.62 -24.95
C GLY A 255 29.00 6.04 -26.26
N PHE A 256 28.82 7.32 -26.50
CA PHE A 256 28.31 7.79 -27.78
C PHE A 256 29.30 7.43 -28.87
N PHE A 257 28.85 6.67 -29.87
CA PHE A 257 29.75 6.12 -30.87
C PHE A 257 29.37 6.62 -32.27
N GLU A 258 30.35 6.56 -33.15
CA GLU A 258 30.20 6.97 -34.54
C GLU A 258 30.29 5.77 -35.47
N LEU A 259 30.06 6.02 -36.76
CA LEU A 259 30.12 4.95 -37.74
C LEU A 259 31.53 4.41 -37.91
N ASP A 260 32.55 5.23 -37.65
CA ASP A 260 33.93 4.78 -37.77
C ASP A 260 34.42 4.03 -36.53
N GLY A 261 33.60 3.96 -35.49
CA GLY A 261 33.93 3.22 -34.28
C GLY A 261 34.40 4.08 -33.13
N THR A 262 34.56 5.39 -33.32
CA THR A 262 35.00 6.27 -32.25
C THR A 262 33.98 6.29 -31.13
N VAL A 263 34.46 6.15 -29.89
CA VAL A 263 33.63 6.19 -28.70
C VAL A 263 34.09 7.37 -27.85
N HIS A 264 33.16 8.25 -27.51
CA HIS A 264 33.47 9.48 -26.80
C HIS A 264 33.25 9.32 -25.30
N ASP A 265 33.82 10.27 -24.54
CA ASP A 265 33.73 10.26 -23.09
C ASP A 265 32.48 11.01 -22.62
N ALA A 266 32.27 11.02 -21.31
CA ALA A 266 31.07 11.64 -20.75
C ALA A 266 31.01 13.13 -21.01
N GLU A 267 32.16 13.80 -21.05
CA GLU A 267 32.18 15.24 -21.31
C GLU A 267 31.63 15.56 -22.69
N PHE A 268 31.91 14.71 -23.68
CA PHE A 268 31.35 14.91 -25.01
C PHE A 268 29.83 14.85 -24.98
N GLY A 269 29.27 13.86 -24.27
CA GLY A 269 27.83 13.78 -24.17
C GLY A 269 27.23 14.96 -23.46
N LEU A 270 27.89 15.42 -22.39
CA LEU A 270 27.43 16.62 -21.69
C LEU A 270 27.42 17.83 -22.62
N ASN A 271 28.48 17.98 -23.42
CA ASN A 271 28.55 19.12 -24.34
C ASN A 271 27.50 19.02 -25.45
N LEU A 272 27.24 17.80 -25.94
CA LEU A 272 26.20 17.62 -26.95
C LEU A 272 24.83 18.01 -26.39
N TYR A 273 24.54 17.54 -25.17
CA TYR A 273 23.29 17.93 -24.52
C TYR A 273 23.22 19.43 -24.30
N LYS A 274 24.34 20.04 -23.90
CA LYS A 274 24.37 21.48 -23.65
C LYS A 274 24.10 22.28 -24.92
N SER A 275 24.71 21.87 -26.03
CA SER A 275 24.48 22.56 -27.29
C SER A 275 23.03 22.42 -27.75
N VAL A 276 22.47 21.21 -27.62
CA VAL A 276 21.07 21.02 -28.00
C VAL A 276 20.16 21.88 -27.12
N THR A 277 20.43 21.92 -25.81
CA THR A 277 19.61 22.70 -24.90
C THR A 277 19.70 24.18 -25.19
N GLU A 278 20.91 24.68 -25.49
CA GLU A 278 21.06 26.10 -25.79
C GLU A 278 20.36 26.47 -27.10
N GLU A 279 20.48 25.61 -28.13
CA GLU A 279 19.74 25.85 -29.36
C GLU A 279 18.24 25.86 -29.13
N PHE A 280 17.74 24.91 -28.34
CA PHE A 280 16.31 24.85 -28.06
C PHE A 280 15.84 26.07 -27.28
N GLN A 281 16.63 26.52 -26.31
CA GLN A 281 16.29 27.73 -25.57
C GLN A 281 16.28 28.94 -26.48
N ARG A 282 17.22 29.02 -27.43
CA ARG A 282 17.20 30.10 -28.40
C ARG A 282 15.94 30.07 -29.24
N GLU A 283 15.50 28.88 -29.64
CA GLU A 283 14.30 28.78 -30.47
C GLU A 283 13.03 29.11 -29.67
N TYR A 284 12.92 28.62 -28.45
CA TYR A 284 11.68 28.74 -27.68
C TYR A 284 11.93 29.48 -26.37
N PRO A 285 11.68 30.79 -26.33
CA PRO A 285 11.90 31.55 -25.09
C PRO A 285 11.03 31.11 -23.92
N ASP A 286 9.85 30.54 -24.18
CA ASP A 286 8.98 30.08 -23.10
C ASP A 286 9.56 28.88 -22.36
N PHE A 287 10.58 28.24 -22.91
CA PHE A 287 11.22 27.11 -22.26
C PHE A 287 12.23 27.59 -21.22
N ILE A 288 12.22 26.94 -20.06
CA ILE A 288 13.13 27.34 -18.99
C ILE A 288 14.52 26.77 -19.21
N GLY A 289 14.61 25.48 -19.50
CA GLY A 289 15.88 24.88 -19.84
C GLY A 289 15.97 23.46 -19.31
N ALA A 290 17.18 22.91 -19.38
CA ALA A 290 17.46 21.56 -18.93
C ALA A 290 18.79 21.53 -18.18
N LYS A 291 18.91 20.60 -17.24
CA LYS A 291 20.14 20.35 -16.52
C LYS A 291 20.32 18.85 -16.36
N ILE A 292 21.58 18.40 -16.30
CA ILE A 292 21.91 16.99 -16.46
C ILE A 292 22.57 16.46 -15.20
N ILE A 293 22.15 15.25 -14.79
CA ILE A 293 22.74 14.51 -13.69
C ILE A 293 23.38 13.26 -14.24
N LEU A 294 24.56 12.91 -13.72
CA LEU A 294 25.28 11.73 -14.18
C LEU A 294 24.82 10.50 -13.39
N SER A 295 24.43 9.45 -14.10
CA SER A 295 23.89 8.24 -13.49
C SER A 295 24.86 7.08 -13.69
N GLY A 296 25.23 6.44 -12.59
CA GLY A 296 25.99 5.20 -12.61
C GLY A 296 25.11 4.03 -12.20
N LEU A 297 25.65 2.83 -12.35
CA LEU A 297 24.88 1.61 -12.13
C LEU A 297 25.23 0.99 -10.79
N ARG A 298 24.21 0.38 -10.15
CA ARG A 298 24.32 -0.17 -8.81
C ARG A 298 25.04 -1.49 -8.75
N PHE A 299 25.51 -2.03 -9.87
CA PHE A 299 26.21 -3.30 -9.87
C PHE A 299 27.64 -3.20 -10.37
N LYS A 300 28.12 -2.00 -10.70
CA LYS A 300 29.49 -1.84 -11.14
C LYS A 300 30.45 -1.98 -9.95
N SER A 301 31.72 -2.21 -10.28
CA SER A 301 32.74 -2.30 -9.25
C SER A 301 32.94 -0.94 -8.57
N GLN A 302 33.36 -0.99 -7.30
CA GLN A 302 33.63 0.25 -6.56
C GLN A 302 34.70 1.09 -7.24
N GLU A 303 35.65 0.42 -7.93
CA GLU A 303 36.66 1.15 -8.69
C GLU A 303 36.02 1.96 -9.82
N GLU A 304 35.14 1.32 -10.59
CA GLU A 304 34.46 2.03 -11.68
C GLU A 304 33.57 3.15 -11.15
N ILE A 305 32.86 2.89 -10.05
CA ILE A 305 32.00 3.92 -9.48
C ILE A 305 32.81 5.10 -8.96
N LEU A 306 33.99 4.83 -8.38
CA LEU A 306 34.88 5.91 -7.98
C LEU A 306 35.36 6.70 -9.18
N ASN A 307 35.69 6.01 -10.28
CA ASN A 307 36.06 6.71 -11.50
C ASN A 307 34.94 7.63 -11.96
N GLU A 308 33.70 7.14 -11.91
CA GLU A 308 32.56 7.95 -12.32
C GLU A 308 32.34 9.13 -11.38
N VAL A 309 32.60 8.95 -10.08
CA VAL A 309 32.48 10.05 -9.13
C VAL A 309 33.52 11.12 -9.43
N LYS A 310 34.75 10.71 -9.77
CA LYS A 310 35.77 11.69 -10.15
C LYS A 310 35.38 12.43 -11.42
N ILE A 311 34.82 11.70 -12.40
CA ILE A 311 34.35 12.34 -13.62
C ILE A 311 33.25 13.35 -13.30
N ALA A 312 32.35 12.98 -12.38
CA ALA A 312 31.27 13.89 -12.00
C ALA A 312 31.82 15.14 -11.31
N MET A 313 32.85 14.97 -10.48
CA MET A 313 33.48 16.13 -9.85
C MET A 313 34.07 17.06 -10.90
N ASP A 314 34.79 16.49 -11.87
CA ASP A 314 35.39 17.30 -12.93
C ASP A 314 34.32 18.04 -13.73
N LEU A 315 33.23 17.34 -14.08
CA LEU A 315 32.19 17.96 -14.89
C LEU A 315 31.40 19.01 -14.11
N HIS A 316 31.25 18.82 -12.79
CA HIS A 316 30.59 19.83 -11.98
C HIS A 316 31.48 21.06 -11.82
N LYS A 317 32.80 20.87 -11.77
CA LYS A 317 33.70 22.02 -11.78
C LYS A 317 33.63 22.77 -13.11
N LYS A 318 33.77 22.04 -14.22
CA LYS A 318 33.89 22.67 -15.53
C LYS A 318 32.58 23.22 -16.06
N TYR A 319 31.46 22.62 -15.68
CA TYR A 319 30.13 23.03 -16.14
C TYR A 319 29.22 23.19 -14.94
N PRO A 320 29.50 24.18 -14.07
CA PRO A 320 28.74 24.29 -12.81
C PRO A 320 27.26 24.60 -13.01
N ASP A 321 26.87 25.15 -14.15
CA ASP A 321 25.47 25.52 -14.35
C ASP A 321 24.65 24.44 -15.04
N PHE A 322 25.28 23.58 -15.83
CA PHE A 322 24.58 22.55 -16.59
C PHE A 322 24.68 21.16 -15.97
N PHE A 323 25.82 20.84 -15.36
CA PHE A 323 26.00 19.56 -14.68
C PHE A 323 25.65 19.72 -13.21
N LEU A 324 24.73 18.88 -12.72
CA LEU A 324 24.23 19.01 -11.36
C LEU A 324 25.00 18.15 -10.37
N GLY A 325 25.06 16.84 -10.62
CA GLY A 325 25.75 15.95 -9.71
C GLY A 325 25.80 14.51 -10.15
N TYR A 326 25.69 13.59 -9.20
CA TYR A 326 25.84 12.16 -9.46
C TYR A 326 24.70 11.40 -8.80
N ASP A 327 24.39 10.24 -9.38
CA ASP A 327 23.31 9.40 -8.90
C ASP A 327 23.60 7.95 -9.28
N LEU A 328 23.22 7.03 -8.41
CA LEU A 328 23.36 5.60 -8.67
C LEU A 328 21.98 5.02 -8.97
N VAL A 329 21.81 4.51 -10.18
CA VAL A 329 20.54 3.98 -10.67
C VAL A 329 20.70 2.49 -10.94
N GLY A 330 19.64 1.85 -11.39
CA GLY A 330 19.55 0.41 -11.50
C GLY A 330 18.69 -0.18 -10.39
N GLN A 331 18.25 -1.41 -10.60
CA GLN A 331 17.35 -2.04 -9.63
C GLN A 331 18.03 -2.13 -8.27
N GLU A 332 17.37 -1.57 -7.26
CA GLU A 332 17.97 -1.36 -5.95
C GLU A 332 17.92 -2.59 -5.05
N ASP A 333 16.88 -3.42 -5.18
CA ASP A 333 16.77 -4.59 -4.30
C ASP A 333 17.91 -5.59 -4.47
N PRO A 334 18.24 -6.08 -5.67
CA PRO A 334 19.24 -7.14 -5.79
C PRO A 334 20.68 -6.69 -6.06
N ASN A 335 20.94 -5.38 -6.13
CA ASN A 335 22.26 -4.88 -6.44
C ASN A 335 22.87 -4.19 -5.22
N PHE A 336 24.05 -3.62 -5.41
CA PHE A 336 24.82 -3.08 -4.29
C PHE A 336 24.11 -1.90 -3.64
N SER A 337 24.36 -1.73 -2.35
CA SER A 337 23.79 -0.64 -1.58
C SER A 337 24.63 0.61 -1.70
N LEU A 338 24.10 1.72 -1.17
CA LEU A 338 24.87 2.96 -1.11
C LEU A 338 26.10 2.80 -0.23
N LEU A 339 25.97 2.05 0.87
CA LEU A 339 27.10 1.85 1.77
C LEU A 339 28.23 1.08 1.10
N HIS A 340 27.90 0.14 0.21
CA HIS A 340 28.92 -0.63 -0.48
C HIS A 340 29.82 0.26 -1.33
N TYR A 341 29.31 1.39 -1.79
CA TYR A 341 30.08 2.36 -2.56
C TYR A 341 30.59 3.52 -1.70
N LEU A 342 30.53 3.38 -0.37
CA LEU A 342 30.72 4.52 0.53
C LEU A 342 32.02 5.26 0.24
N ASP A 343 33.12 4.53 0.11
CA ASP A 343 34.41 5.17 -0.18
C ASP A 343 34.28 6.12 -1.36
N ALA A 344 33.77 5.62 -2.49
CA ALA A 344 33.66 6.45 -3.68
C ALA A 344 32.76 7.65 -3.43
N LEU A 345 31.69 7.46 -2.64
CA LEU A 345 30.79 8.57 -2.36
C LEU A 345 31.35 9.54 -1.33
N LEU A 346 32.34 9.13 -0.55
CA LEU A 346 32.98 10.03 0.39
C LEU A 346 34.22 10.70 -0.19
N TYR A 347 34.66 10.29 -1.38
CA TYR A 347 35.85 10.87 -1.96
C TYR A 347 35.79 12.39 -2.13
N PRO A 348 34.68 12.98 -2.60
CA PRO A 348 34.65 14.45 -2.67
C PRO A 348 34.83 15.13 -1.32
N SER A 349 34.28 14.56 -0.25
CA SER A 349 34.29 15.23 1.04
C SER A 349 35.64 15.12 1.76
N ILE A 350 36.46 14.11 1.44
CA ILE A 350 37.73 13.94 2.13
C ILE A 350 38.84 14.82 1.56
N GLN A 351 38.55 15.59 0.52
CA GLN A 351 39.57 16.43 -0.09
C GLN A 351 39.93 17.59 0.83
N ASN A 352 41.08 18.21 0.55
CA ASN A 352 41.56 19.37 1.29
C ASN A 352 41.85 20.49 0.30
N PRO A 353 40.94 21.45 0.12
CA PRO A 353 39.65 21.61 0.79
C PRO A 353 38.60 20.62 0.29
N PRO A 354 37.62 20.29 1.13
CA PRO A 354 36.56 19.36 0.71
C PRO A 354 35.78 19.90 -0.48
N TYR A 355 35.41 18.99 -1.38
CA TYR A 355 34.60 19.32 -2.54
C TYR A 355 33.17 18.86 -2.31
N ARG A 356 32.22 19.66 -2.77
CA ARG A 356 30.80 19.44 -2.54
C ARG A 356 30.18 18.94 -3.85
N LEU A 357 30.11 17.62 -4.00
CA LEU A 357 29.51 17.02 -5.19
C LEU A 357 28.07 16.64 -4.88
N PRO A 358 27.08 17.29 -5.50
CA PRO A 358 25.68 16.99 -5.17
C PRO A 358 25.29 15.58 -5.58
N TYR A 359 24.30 15.03 -4.86
CA TYR A 359 23.80 13.69 -5.09
C TYR A 359 22.29 13.74 -5.32
N PHE A 360 21.80 12.78 -6.09
CA PHE A 360 20.38 12.68 -6.41
C PHE A 360 19.92 11.23 -6.28
N PHE A 361 20.27 10.61 -5.14
CA PHE A 361 20.16 9.17 -4.98
C PHE A 361 18.73 8.67 -5.15
N HIS A 362 18.57 7.62 -5.96
CA HIS A 362 17.42 6.73 -5.83
C HIS A 362 17.55 6.01 -4.49
N ALA A 363 16.51 6.07 -3.66
CA ALA A 363 16.62 5.54 -2.31
C ALA A 363 15.32 4.87 -1.89
N ALA A 364 15.44 3.68 -1.30
CA ALA A 364 14.32 2.95 -0.71
C ALA A 364 13.19 2.72 -1.72
N GLU A 365 13.55 2.34 -2.94
CA GLU A 365 12.56 1.96 -3.95
C GLU A 365 12.20 0.48 -3.77
N THR A 366 11.69 0.17 -2.58
CA THR A 366 11.57 -1.21 -2.15
C THR A 366 10.32 -1.39 -1.29
N ASN A 367 9.84 -2.63 -1.27
CA ASN A 367 8.77 -3.04 -0.36
C ASN A 367 9.30 -3.64 0.94
N TRP A 368 10.61 -3.63 1.14
CA TRP A 368 11.22 -4.21 2.33
C TRP A 368 11.26 -3.20 3.47
N GLN A 369 11.60 -3.69 4.65
CA GLN A 369 11.72 -2.85 5.84
C GLN A 369 12.94 -3.27 6.64
N GLU A 370 13.74 -2.28 7.06
CA GLU A 370 14.94 -2.50 7.86
C GLU A 370 15.90 -3.49 7.19
N THR A 371 16.09 -3.32 5.88
CA THR A 371 17.01 -4.12 5.10
C THR A 371 18.15 -3.24 4.57
N GLU A 372 19.00 -3.83 3.75
CA GLU A 372 20.09 -3.08 3.13
C GLU A 372 19.56 -2.05 2.13
N VAL A 373 18.40 -2.30 1.54
CA VAL A 373 17.89 -1.44 0.47
C VAL A 373 17.34 -0.14 1.04
N ASP A 374 16.37 -0.24 1.94
CA ASP A 374 15.70 0.95 2.46
C ASP A 374 16.58 1.73 3.44
N TYR A 375 17.60 1.10 4.00
CA TYR A 375 18.53 1.85 4.85
C TYR A 375 19.48 2.72 4.02
N ASN A 376 19.42 2.64 2.70
CA ASN A 376 20.12 3.60 1.85
C ASN A 376 19.62 5.02 2.07
N LEU A 377 18.44 5.18 2.67
CA LEU A 377 17.95 6.51 3.02
C LEU A 377 18.89 7.20 3.99
N ALA A 378 19.38 6.46 4.98
CA ALA A 378 20.34 7.04 5.92
C ALA A 378 21.60 7.51 5.19
N ASP A 379 22.10 6.70 4.26
CA ASP A 379 23.27 7.08 3.49
C ASP A 379 23.00 8.32 2.65
N ALA A 380 21.84 8.38 2.00
CA ALA A 380 21.50 9.53 1.17
C ALA A 380 21.41 10.79 2.01
N LEU A 381 20.77 10.71 3.19
CA LEU A 381 20.67 11.88 4.06
C LEU A 381 22.02 12.31 4.58
N LEU A 382 22.88 11.35 4.95
CA LEU A 382 24.19 11.68 5.50
C LEU A 382 25.16 12.18 4.44
N LEU A 383 24.96 11.80 3.17
CA LEU A 383 25.75 12.32 2.07
C LEU A 383 25.18 13.61 1.49
N ASN A 384 24.23 14.23 2.20
CA ASN A 384 23.65 15.52 1.81
C ASN A 384 23.03 15.46 0.42
N THR A 385 22.19 14.45 0.20
CA THR A 385 21.55 14.31 -1.09
C THR A 385 20.63 15.51 -1.36
N THR A 386 20.63 15.98 -2.61
CA THR A 386 19.77 17.08 -2.99
C THR A 386 18.31 16.67 -2.99
N ARG A 387 18.01 15.53 -3.61
CA ARG A 387 16.66 14.96 -3.61
C ARG A 387 16.79 13.45 -3.54
N VAL A 388 15.68 12.81 -3.16
CA VAL A 388 15.62 11.35 -3.04
C VAL A 388 14.60 10.84 -4.05
N GLY A 389 15.02 9.88 -4.87
CA GLY A 389 14.10 9.26 -5.81
C GLY A 389 13.22 8.23 -5.12
N HIS A 390 11.92 8.34 -5.34
CA HIS A 390 10.90 7.41 -4.86
C HIS A 390 10.70 7.49 -3.35
N GLY A 391 11.63 6.94 -2.57
CA GLY A 391 11.44 6.92 -1.13
C GLY A 391 10.21 6.13 -0.72
N PHE A 392 9.98 4.98 -1.36
CA PHE A 392 8.77 4.20 -1.10
C PHE A 392 8.75 3.66 0.33
N ALA A 393 9.92 3.43 0.92
CA ALA A 393 10.02 2.96 2.29
C ALA A 393 10.36 4.09 3.26
N LEU A 394 10.36 5.34 2.79
CA LEU A 394 10.68 6.46 3.67
C LEU A 394 9.66 6.60 4.79
N ILE A 395 8.37 6.42 4.47
CA ILE A 395 7.32 6.55 5.47
C ILE A 395 7.49 5.52 6.58
N LYS A 396 8.09 4.37 6.28
CA LYS A 396 8.32 3.34 7.29
C LYS A 396 9.40 3.71 8.29
N HIS A 397 10.17 4.77 8.04
CA HIS A 397 11.23 5.21 8.94
C HIS A 397 10.93 6.60 9.47
N PRO A 398 10.49 6.73 10.72
CA PRO A 398 10.06 8.05 11.21
C PRO A 398 11.15 9.11 11.23
N ARG A 399 12.29 8.82 11.88
CA ARG A 399 13.35 9.80 11.98
C ARG A 399 13.93 10.15 10.62
N PHE A 400 13.99 9.18 9.70
CA PHE A 400 14.45 9.48 8.34
C PHE A 400 13.51 10.48 7.67
N THR A 401 12.20 10.29 7.81
CA THR A 401 11.24 11.23 7.25
C THR A 401 11.42 12.61 7.87
N GLU A 402 11.54 12.67 9.19
CA GLU A 402 11.71 13.95 9.87
C GLU A 402 12.96 14.67 9.40
N LEU A 403 14.09 13.96 9.37
CA LEU A 403 15.35 14.57 8.98
C LEU A 403 15.33 15.03 7.52
N ALA A 404 14.75 14.23 6.63
CA ALA A 404 14.68 14.62 5.23
C ALA A 404 13.80 15.84 5.04
N LYS A 405 12.70 15.93 5.80
CA LYS A 405 11.87 17.12 5.73
C LYS A 405 12.61 18.34 6.27
N GLU A 406 13.33 18.19 7.38
CA GLU A 406 14.03 19.33 7.98
C GLU A 406 15.13 19.83 7.07
N ASN A 407 15.93 18.92 6.50
CA ASN A 407 17.03 19.32 5.64
C ASN A 407 16.57 19.92 4.32
N GLY A 408 15.28 19.83 4.00
CA GLY A 408 14.75 20.32 2.74
C GLY A 408 14.89 19.36 1.58
N VAL A 409 15.16 18.09 1.83
CA VAL A 409 15.32 17.10 0.78
C VAL A 409 13.93 16.72 0.28
N ALA A 410 13.59 17.11 -0.95
CA ALA A 410 12.33 16.72 -1.54
C ALA A 410 12.40 15.29 -2.07
N VAL A 411 11.23 14.72 -2.31
CA VAL A 411 11.11 13.34 -2.79
C VAL A 411 10.52 13.36 -4.18
N GLU A 412 11.18 12.67 -5.11
CA GLU A 412 10.73 12.57 -6.50
C GLU A 412 9.81 11.36 -6.61
N VAL A 413 8.50 11.59 -6.56
CA VAL A 413 7.51 10.52 -6.63
C VAL A 413 7.14 10.30 -8.09
N ASN A 414 7.27 9.05 -8.55
CA ASN A 414 6.91 8.66 -9.91
C ASN A 414 5.83 7.58 -9.80
N PRO A 415 4.55 7.98 -9.76
CA PRO A 415 3.50 7.00 -9.42
C PRO A 415 3.37 5.87 -10.42
N ILE A 416 3.31 6.19 -11.72
CA ILE A 416 3.16 5.15 -12.73
C ILE A 416 4.36 4.22 -12.73
N SER A 417 5.56 4.79 -12.56
CA SER A 417 6.76 3.96 -12.46
C SER A 417 6.69 3.03 -11.25
N ASN A 418 6.22 3.53 -10.11
CA ASN A 418 6.13 2.70 -8.92
C ASN A 418 5.06 1.63 -9.06
N GLN A 419 4.03 1.87 -9.87
CA GLN A 419 3.02 0.84 -10.09
C GLN A 419 3.53 -0.24 -11.03
N ILE A 420 4.06 0.16 -12.19
CA ILE A 420 4.48 -0.82 -13.18
C ILE A 420 5.65 -1.63 -12.68
N LEU A 421 6.65 -0.98 -12.09
CA LEU A 421 7.87 -1.65 -11.68
C LEU A 421 7.74 -2.43 -10.39
N GLY A 422 6.51 -2.70 -9.93
CA GLY A 422 6.28 -3.71 -8.93
C GLY A 422 6.22 -3.26 -7.48
N LEU A 423 6.22 -1.95 -7.23
CA LEU A 423 6.15 -1.51 -5.83
C LEU A 423 4.71 -1.49 -5.33
N VAL A 424 3.77 -1.03 -6.15
CA VAL A 424 2.37 -0.92 -5.74
C VAL A 424 1.49 -1.41 -6.88
N ARG A 425 0.26 -1.80 -6.53
CA ARG A 425 -0.73 -2.24 -7.52
C ARG A 425 -1.94 -1.32 -7.56
N ASP A 426 -2.53 -1.01 -6.40
CA ASP A 426 -3.56 0.02 -6.30
C ASP A 426 -2.86 1.34 -5.98
N VAL A 427 -2.93 2.30 -6.91
CA VAL A 427 -2.18 3.54 -6.75
C VAL A 427 -2.65 4.32 -5.53
N ARG A 428 -3.91 4.13 -5.11
CA ARG A 428 -4.38 4.77 -3.89
C ARG A 428 -3.68 4.22 -2.65
N ASN A 429 -3.06 3.04 -2.75
CA ASN A 429 -2.26 2.47 -1.67
C ASN A 429 -0.80 2.85 -1.77
N HIS A 430 -0.48 3.94 -2.46
CA HIS A 430 0.90 4.40 -2.56
C HIS A 430 1.41 4.83 -1.19
N ALA A 431 2.71 4.59 -0.96
CA ALA A 431 3.27 4.78 0.37
C ALA A 431 3.41 6.25 0.74
N LEU A 432 3.53 7.13 -0.25
CA LEU A 432 3.78 8.54 0.00
C LEU A 432 2.50 9.37 0.11
N VAL A 433 1.32 8.74 0.03
CA VAL A 433 0.07 9.50 0.14
C VAL A 433 -0.07 10.20 1.48
N PRO A 434 0.16 9.54 2.64
CA PRO A 434 0.07 10.28 3.91
C PRO A 434 1.07 11.42 4.01
N LEU A 435 2.28 11.24 3.47
CA LEU A 435 3.26 12.31 3.49
C LEU A 435 2.79 13.50 2.67
N ILE A 436 2.14 13.23 1.53
CA ILE A 436 1.48 14.31 0.79
C ILE A 436 0.43 14.99 1.66
N ALA A 437 -0.35 14.19 2.39
CA ALA A 437 -1.41 14.73 3.23
C ALA A 437 -0.89 15.49 4.44
N ASP A 438 0.40 15.40 4.76
CA ASP A 438 0.99 16.18 5.84
C ASP A 438 2.00 17.21 5.33
N ASP A 439 1.82 17.69 4.10
CA ASP A 439 2.67 18.73 3.51
C ASP A 439 4.15 18.31 3.54
N TYR A 440 4.44 17.24 2.82
CA TYR A 440 5.84 16.84 2.74
C TYR A 440 6.46 17.34 1.45
N PRO A 441 7.73 17.75 1.46
CA PRO A 441 8.37 18.19 0.21
C PRO A 441 8.40 17.08 -0.82
N ILE A 442 7.63 17.25 -1.90
CA ILE A 442 7.51 16.24 -2.94
C ILE A 442 7.41 16.93 -4.29
N VAL A 443 7.86 16.22 -5.32
CA VAL A 443 7.64 16.60 -6.71
C VAL A 443 7.16 15.35 -7.44
N ILE A 444 6.41 15.57 -8.53
CA ILE A 444 5.89 14.48 -9.34
C ILE A 444 6.60 14.48 -10.68
N SER A 445 7.12 13.32 -11.06
CA SER A 445 7.83 13.14 -12.31
C SER A 445 7.45 11.79 -12.89
N SER A 446 7.95 11.51 -14.09
CA SER A 446 7.55 10.34 -14.84
C SER A 446 8.61 9.24 -14.87
N ASP A 447 9.82 9.48 -14.34
CA ASP A 447 10.93 8.54 -14.49
C ASP A 447 11.18 8.29 -15.96
N ASP A 448 10.86 7.10 -16.44
CA ASP A 448 11.03 6.82 -17.86
C ASP A 448 9.67 6.73 -18.56
N PRO A 449 9.19 7.82 -19.16
CA PRO A 449 7.84 7.79 -19.74
C PRO A 449 7.72 6.94 -20.98
N GLY A 450 8.70 6.99 -21.89
CA GLY A 450 8.54 6.37 -23.20
C GLY A 450 8.44 4.87 -23.15
N ALA A 451 9.05 4.24 -22.14
CA ALA A 451 9.07 2.78 -22.08
C ALA A 451 7.67 2.20 -22.01
N TRP A 452 6.78 2.81 -21.21
CA TRP A 452 5.42 2.34 -21.06
C TRP A 452 4.40 3.28 -21.71
N GLU A 453 4.82 3.99 -22.76
CA GLU A 453 3.94 4.83 -23.57
C GLU A 453 3.08 5.76 -22.72
N ALA A 454 3.77 6.63 -21.97
CA ALA A 454 3.11 7.61 -21.12
C ALA A 454 3.45 9.01 -21.59
N SER A 455 2.57 9.95 -21.28
CA SER A 455 2.83 11.34 -21.62
C SER A 455 3.90 11.91 -20.69
N PRO A 456 4.63 12.95 -21.13
CA PRO A 456 5.77 13.47 -20.36
C PRO A 456 5.51 13.69 -18.88
N LEU A 457 4.53 14.53 -18.52
CA LEU A 457 4.17 14.65 -17.11
C LEU A 457 2.66 14.69 -16.85
N SER A 458 1.83 14.81 -17.89
CA SER A 458 0.39 14.97 -17.66
C SER A 458 -0.26 13.69 -17.18
N HIS A 459 0.20 12.52 -17.64
CA HIS A 459 -0.38 11.27 -17.18
C HIS A 459 -0.07 11.02 -15.71
N ASP A 460 1.18 11.25 -15.29
CA ASP A 460 1.52 11.12 -13.89
C ASP A 460 0.83 12.19 -13.05
N PHE A 461 0.64 13.39 -13.61
CA PHE A 461 -0.12 14.41 -12.90
C PHE A 461 -1.58 14.00 -12.70
N TYR A 462 -2.19 13.40 -13.72
CA TYR A 462 -3.55 12.89 -13.58
C TYR A 462 -3.61 11.80 -12.53
N VAL A 463 -2.62 10.90 -12.52
CA VAL A 463 -2.58 9.84 -11.52
C VAL A 463 -2.46 10.43 -10.12
N ALA A 464 -1.60 11.45 -9.96
CA ALA A 464 -1.46 12.10 -8.67
C ALA A 464 -2.77 12.77 -8.25
N LEU A 465 -3.43 13.45 -9.19
CA LEU A 465 -4.69 14.12 -8.88
C LEU A 465 -5.77 13.14 -8.46
N MET A 466 -5.87 12.00 -9.16
CA MET A 466 -6.97 11.08 -8.94
C MET A 466 -6.70 10.01 -7.90
N ASP A 467 -5.44 9.81 -7.48
CA ASP A 467 -5.10 8.72 -6.58
C ASP A 467 -4.32 9.12 -5.35
N LEU A 468 -3.61 10.25 -5.36
CA LEU A 468 -2.71 10.60 -4.26
C LEU A 468 -3.24 11.69 -3.34
N CYS A 469 -4.43 12.22 -3.62
CA CYS A 469 -5.03 13.24 -2.77
C CYS A 469 -6.52 12.96 -2.62
N GLY A 470 -7.11 13.55 -1.58
CA GLY A 470 -8.47 13.22 -1.21
C GLY A 470 -9.51 13.82 -2.13
N ARG A 471 -10.77 13.44 -1.87
CA ARG A 471 -11.88 13.83 -2.72
C ARG A 471 -12.06 15.34 -2.76
N ASP A 472 -11.67 16.05 -1.70
CA ASP A 472 -11.80 17.50 -1.63
C ASP A 472 -10.52 18.23 -2.02
N THR A 473 -9.72 17.65 -2.91
CA THR A 473 -8.44 18.22 -3.31
C THR A 473 -8.30 18.06 -4.82
N ALA A 474 -8.43 19.16 -5.57
CA ALA A 474 -8.28 19.10 -7.02
C ALA A 474 -7.11 19.94 -7.55
N LEU A 475 -7.11 21.25 -7.30
CA LEU A 475 -6.19 22.15 -8.00
C LEU A 475 -5.09 22.70 -7.14
N THR A 476 -5.33 22.93 -5.85
CA THR A 476 -4.26 23.34 -4.96
C THR A 476 -3.12 22.33 -5.00
N PHE A 477 -3.46 21.04 -5.05
CA PHE A 477 -2.45 19.99 -5.11
C PHE A 477 -1.61 20.10 -6.38
N LEU A 478 -2.25 20.26 -7.54
CA LEU A 478 -1.52 20.33 -8.80
C LEU A 478 -0.65 21.58 -8.87
N LYS A 479 -1.18 22.73 -8.45
CA LYS A 479 -0.39 23.95 -8.48
C LYS A 479 0.76 23.89 -7.50
N GLN A 480 0.57 23.24 -6.34
CA GLN A 480 1.68 23.08 -5.40
C GLN A 480 2.75 22.16 -5.97
N LEU A 481 2.34 21.11 -6.69
CA LEU A 481 3.32 20.28 -7.38
C LEU A 481 4.11 21.08 -8.41
N ALA A 482 3.41 21.91 -9.18
CA ALA A 482 4.09 22.74 -10.17
C ALA A 482 5.05 23.73 -9.51
N LEU A 483 4.68 24.28 -8.35
CA LEU A 483 5.56 25.19 -7.64
C LEU A 483 6.76 24.46 -7.04
N ASN A 484 6.53 23.29 -6.45
CA ASN A 484 7.62 22.54 -5.84
C ASN A 484 8.60 22.02 -6.89
N SER A 485 8.14 21.78 -8.12
CA SER A 485 9.04 21.39 -9.18
C SER A 485 10.09 22.46 -9.47
N ILE A 486 9.80 23.71 -9.15
CA ILE A 486 10.78 24.79 -9.29
C ILE A 486 11.51 25.05 -7.99
N ARG A 487 10.79 25.07 -6.86
CA ARG A 487 11.44 25.34 -5.58
C ARG A 487 12.49 24.29 -5.25
N TYR A 488 12.15 23.02 -5.41
CA TYR A 488 13.04 21.93 -5.06
C TYR A 488 13.86 21.43 -6.23
N SER A 489 14.03 22.24 -7.27
CA SER A 489 14.94 21.91 -8.35
C SER A 489 16.38 22.18 -7.92
N ALA A 490 17.31 22.01 -8.85
CA ALA A 490 18.72 22.26 -8.58
C ALA A 490 19.18 23.62 -9.10
N MET A 491 18.27 24.44 -9.61
CA MET A 491 18.63 25.75 -10.12
C MET A 491 19.11 26.66 -8.99
N SER A 492 19.97 27.62 -9.35
CA SER A 492 20.34 28.67 -8.41
C SER A 492 19.11 29.50 -8.06
N ASP A 493 19.25 30.32 -7.01
CA ASP A 493 18.11 31.12 -6.56
C ASP A 493 17.68 32.12 -7.63
N THR A 494 18.65 32.76 -8.30
CA THR A 494 18.31 33.67 -9.40
C THR A 494 17.59 32.92 -10.52
N GLU A 495 18.12 31.74 -10.89
CA GLU A 495 17.46 30.92 -11.89
C GLU A 495 16.08 30.48 -11.43
N LYS A 496 15.92 30.21 -10.13
CA LYS A 496 14.61 29.83 -9.61
C LYS A 496 13.62 30.97 -9.77
N VAL A 497 14.04 32.20 -9.47
CA VAL A 497 13.13 33.34 -9.60
C VAL A 497 12.74 33.54 -11.07
N ALA A 498 13.73 33.48 -11.97
CA ALA A 498 13.43 33.64 -13.39
C ALA A 498 12.50 32.54 -13.90
N ALA A 499 12.76 31.30 -13.49
CA ALA A 499 11.92 30.18 -13.91
C ALA A 499 10.51 30.33 -13.36
N LYS A 500 10.36 30.79 -12.13
CA LYS A 500 9.03 31.03 -11.59
C LYS A 500 8.32 32.11 -12.36
N ALA A 501 9.04 33.15 -12.79
CA ALA A 501 8.42 34.18 -13.61
C ALA A 501 7.88 33.60 -14.93
N LYS A 502 8.71 32.81 -15.61
CA LYS A 502 8.27 32.21 -16.87
C LYS A 502 7.07 31.28 -16.66
N TRP A 503 7.14 30.45 -15.61
CA TRP A 503 6.06 29.52 -15.33
C TRP A 503 4.78 30.25 -14.96
N THR A 504 4.90 31.37 -14.23
CA THR A 504 3.73 32.17 -13.88
C THR A 504 3.10 32.76 -15.13
N THR A 505 3.91 33.25 -16.06
CA THR A 505 3.38 33.74 -17.33
C THR A 505 2.57 32.66 -18.02
N GLN A 506 3.16 31.48 -18.19
CA GLN A 506 2.45 30.39 -18.87
C GLN A 506 1.21 29.96 -18.10
N TRP A 507 1.29 29.91 -16.77
CA TRP A 507 0.18 29.48 -15.94
C TRP A 507 -1.00 30.43 -16.04
N ASP A 508 -0.74 31.73 -15.96
CA ASP A 508 -1.82 32.70 -16.09
C ASP A 508 -2.43 32.67 -17.48
N LYS A 509 -1.60 32.50 -18.51
CA LYS A 509 -2.14 32.36 -19.86
C LYS A 509 -3.07 31.16 -19.95
N PHE A 510 -2.65 30.02 -19.40
CA PHE A 510 -3.46 28.81 -19.43
C PHE A 510 -4.77 28.98 -18.67
N VAL A 511 -4.70 29.60 -17.48
CA VAL A 511 -5.91 29.80 -16.68
C VAL A 511 -6.90 30.67 -17.43
N LYS A 512 -6.43 31.79 -17.99
CA LYS A 512 -7.32 32.67 -18.72
C LYS A 512 -7.94 31.98 -19.92
N THR A 513 -7.12 31.24 -20.69
CA THR A 513 -7.64 30.58 -21.89
C THR A 513 -8.68 29.53 -21.53
N SER A 514 -8.39 28.70 -20.52
CA SER A 514 -9.33 27.64 -20.14
C SER A 514 -10.64 28.22 -19.62
N VAL A 515 -10.56 29.25 -18.78
CA VAL A 515 -11.78 29.85 -18.23
C VAL A 515 -12.60 30.47 -19.34
N GLU A 516 -11.96 31.18 -20.29
CA GLU A 516 -12.71 31.74 -21.40
C GLU A 516 -13.30 30.64 -22.28
N GLY A 517 -12.64 29.49 -22.38
CA GLY A 517 -13.17 28.40 -23.17
C GLY A 517 -14.33 27.67 -22.53
N LEU A 518 -14.44 27.74 -21.20
CA LEU A 518 -15.52 27.04 -20.50
C LEU A 518 -16.62 27.95 -19.97
N LYS A 519 -16.33 29.23 -19.71
CA LYS A 519 -17.29 30.15 -19.10
C LYS A 519 -18.08 30.87 -20.18
N PRO A 520 -19.41 30.90 -20.08
CA PRO A 520 -20.21 31.57 -21.11
C PRO A 520 -20.01 33.08 -21.12
N HIS A 521 -20.29 33.67 -22.28
CA HIS A 521 -20.20 35.12 -22.46
C HIS A 521 -21.38 35.65 -23.26
N LEU B 28 38.33 11.87 13.08
CA LEU B 28 39.39 10.91 12.82
C LEU B 28 39.29 10.43 11.38
N THR B 29 39.18 9.11 11.20
CA THR B 29 38.93 8.56 9.88
C THR B 29 37.57 9.04 9.39
N SER B 30 37.53 9.59 8.18
CA SER B 30 36.28 10.07 7.62
C SER B 30 35.28 8.92 7.48
N LYS B 31 35.77 7.76 7.04
CA LYS B 31 34.90 6.58 6.93
C LYS B 31 34.36 6.18 8.29
N ALA B 32 35.23 6.14 9.31
CA ALA B 32 34.79 5.71 10.64
C ALA B 32 33.85 6.73 11.28
N ALA B 33 34.13 8.02 11.11
CA ALA B 33 33.24 9.05 11.64
C ALA B 33 31.87 9.00 10.96
N TYR B 34 31.86 8.80 9.65
CA TYR B 34 30.61 8.62 8.93
C TYR B 34 29.86 7.40 9.45
N LEU B 35 30.59 6.31 9.73
CA LEU B 35 29.94 5.11 10.27
C LEU B 35 29.34 5.39 11.65
N LEU B 36 30.03 6.16 12.48
CA LEU B 36 29.49 6.53 13.78
C LEU B 36 28.19 7.33 13.62
N LYS B 37 28.20 8.31 12.72
CA LYS B 37 26.99 9.09 12.47
C LYS B 37 25.87 8.20 11.94
N ARG B 38 26.20 7.28 11.03
CA ARG B 38 25.20 6.41 10.42
C ARG B 38 24.57 5.49 11.45
N ASN B 39 25.38 4.86 12.29
CA ASN B 39 24.83 3.97 13.30
C ASN B 39 24.05 4.73 14.37
N SER B 40 24.49 5.94 14.72
CA SER B 40 23.70 6.76 15.64
C SER B 40 22.34 7.08 15.02
N LEU B 41 22.31 7.45 13.73
CA LEU B 41 21.04 7.76 13.08
C LEU B 41 20.14 6.53 13.00
N ILE B 42 20.71 5.37 12.68
CA ILE B 42 19.91 4.16 12.54
C ILE B 42 19.36 3.71 13.89
N GLU B 43 20.16 3.81 14.96
CA GLU B 43 19.66 3.52 16.29
C GLU B 43 18.55 4.49 16.68
N GLU B 44 18.73 5.77 16.34
CA GLU B 44 17.71 6.77 16.65
C GLU B 44 16.40 6.48 15.92
N ASP B 45 16.48 6.06 14.66
CA ASP B 45 15.28 5.80 13.88
C ASP B 45 14.60 4.50 14.31
N ALA B 46 15.38 3.45 14.55
CA ALA B 46 14.82 2.14 14.87
C ALA B 46 14.32 2.04 16.30
N SER B 47 14.59 3.03 17.14
CA SER B 47 14.05 3.03 18.49
C SER B 47 12.61 3.54 18.54
N ARG B 48 12.11 4.11 17.44
CA ARG B 48 10.75 4.61 17.38
C ARG B 48 9.73 3.51 17.14
N LYS B 49 10.16 2.30 16.79
CA LYS B 49 9.24 1.24 16.45
C LYS B 49 8.49 0.75 17.69
N LEU B 50 7.33 0.13 17.45
CA LEU B 50 6.57 -0.47 18.53
C LEU B 50 7.36 -1.61 19.16
N GLY B 51 7.41 -1.61 20.50
CA GLY B 51 8.11 -2.65 21.21
C GLY B 51 9.61 -2.49 21.31
N ALA B 52 10.16 -1.34 20.88
CA ALA B 52 11.60 -1.15 20.95
C ALA B 52 12.09 -1.12 22.39
N LYS B 53 11.23 -0.74 23.34
CA LYS B 53 11.60 -0.66 24.75
C LYS B 53 11.47 -2.01 25.46
N ILE B 54 11.00 -3.05 24.78
CA ILE B 54 10.95 -4.37 25.37
C ILE B 54 12.36 -4.87 25.65
N VAL B 55 12.59 -5.31 26.89
CA VAL B 55 13.85 -5.91 27.29
C VAL B 55 13.64 -7.41 27.44
N LEU B 56 14.46 -8.20 26.75
CA LEU B 56 14.31 -9.65 26.72
C LEU B 56 15.33 -10.29 27.64
N THR B 57 14.89 -11.26 28.44
CA THR B 57 15.82 -12.10 29.16
C THR B 57 16.62 -12.94 28.17
N ASN B 58 17.67 -13.61 28.67
CA ASN B 58 18.56 -14.35 27.78
C ASN B 58 17.81 -15.46 27.06
N GLU B 59 16.88 -16.13 27.74
CA GLU B 59 16.07 -17.16 27.10
C GLU B 59 15.18 -16.55 26.02
N GLU B 60 14.56 -15.42 26.32
CA GLU B 60 13.79 -14.69 25.31
C GLU B 60 14.68 -14.26 24.15
N LYS B 61 15.95 -13.93 24.44
CA LYS B 61 16.88 -13.61 23.37
C LYS B 61 17.18 -14.83 22.51
N VAL B 62 17.24 -16.03 23.11
CA VAL B 62 17.43 -17.24 22.32
C VAL B 62 16.26 -17.46 21.38
N LEU B 63 15.04 -17.32 21.91
CA LEU B 63 13.86 -17.47 21.06
C LEU B 63 13.83 -16.42 19.95
N ASP B 64 14.16 -15.17 20.29
CA ASP B 64 14.22 -14.10 19.31
C ASP B 64 15.27 -14.39 18.24
N ASP B 65 16.41 -14.94 18.64
CA ASP B 65 17.45 -15.27 17.66
C ASP B 65 16.99 -16.35 16.70
N PHE B 66 16.29 -17.36 17.22
CA PHE B 66 15.75 -18.40 16.34
C PHE B 66 14.79 -17.81 15.32
N ILE B 67 13.83 -17.01 15.81
CA ILE B 67 12.84 -16.40 14.91
C ILE B 67 13.51 -15.49 13.90
N LEU B 68 14.48 -14.68 14.36
CA LEU B 68 15.19 -13.77 13.48
C LEU B 68 15.98 -14.52 12.41
N ALA B 69 16.61 -15.63 12.79
CA ALA B 69 17.34 -16.43 11.80
C ALA B 69 16.40 -16.91 10.71
N GLU B 70 15.26 -17.48 11.10
CA GLU B 70 14.29 -17.95 10.11
C GLU B 70 13.81 -16.81 9.21
N LYS B 71 13.41 -15.70 9.82
CA LYS B 71 12.86 -14.57 9.07
C LYS B 71 13.89 -13.95 8.13
N ARG B 72 15.12 -13.78 8.61
CA ARG B 72 16.17 -13.20 7.77
C ARG B 72 16.55 -14.13 6.64
N LYS B 73 16.58 -15.44 6.89
CA LYS B 73 16.78 -16.39 5.79
C LYS B 73 15.72 -16.19 4.71
N LEU B 74 14.45 -16.14 5.10
CA LEU B 74 13.39 -15.98 4.11
C LEU B 74 13.52 -14.65 3.37
N ILE B 75 13.77 -13.57 4.11
CA ILE B 75 13.82 -12.23 3.51
C ILE B 75 14.98 -12.15 2.52
N ASP B 76 16.16 -12.60 2.92
CA ASP B 76 17.34 -12.48 2.05
C ASP B 76 17.24 -13.42 0.86
N ASP B 77 16.69 -14.63 1.06
CA ASP B 77 16.50 -15.53 -0.07
C ASP B 77 15.53 -14.95 -1.08
N SER B 78 14.44 -14.34 -0.61
CA SER B 78 13.51 -13.70 -1.52
C SER B 78 14.14 -12.52 -2.25
N ARG B 79 14.91 -11.69 -1.52
CA ARG B 79 15.42 -10.46 -2.12
C ARG B 79 16.55 -10.74 -3.11
N LEU B 80 17.55 -11.52 -2.68
CA LEU B 80 18.78 -11.61 -3.47
C LEU B 80 18.68 -12.64 -4.59
N ASN B 81 18.08 -13.80 -4.30
CA ASN B 81 17.89 -14.80 -5.34
C ASN B 81 16.71 -14.51 -6.25
N GLN B 82 15.95 -13.44 -5.96
CA GLN B 82 14.81 -13.01 -6.77
C GLN B 82 13.77 -14.12 -6.91
N THR B 83 13.23 -14.53 -5.76
CA THR B 83 12.08 -15.41 -5.68
C THR B 83 11.02 -14.75 -4.81
N GLU B 84 9.78 -15.20 -4.93
CA GLU B 84 8.68 -14.54 -4.25
C GLU B 84 8.82 -14.65 -2.74
N TYR B 85 8.44 -13.57 -2.05
CA TYR B 85 8.38 -13.56 -0.59
C TYR B 85 7.01 -14.10 -0.20
N MET B 86 6.97 -15.40 0.13
CA MET B 86 5.70 -16.07 0.37
C MET B 86 4.86 -15.44 1.49
N PRO B 87 5.42 -15.01 2.63
CA PRO B 87 4.56 -14.41 3.67
C PRO B 87 3.78 -13.18 3.19
N ALA B 88 4.30 -12.44 2.21
CA ALA B 88 3.61 -11.27 1.71
C ALA B 88 2.55 -11.62 0.67
N ALA B 89 2.50 -12.86 0.20
CA ALA B 89 1.54 -13.26 -0.83
C ALA B 89 0.16 -13.47 -0.20
N SER B 90 -0.78 -13.91 -1.03
CA SER B 90 -2.13 -14.19 -0.56
C SER B 90 -2.12 -15.31 0.48
N PHE B 91 -3.00 -15.19 1.47
CA PHE B 91 -3.07 -16.21 2.52
C PHE B 91 -3.42 -17.58 1.95
N TYR B 92 -4.20 -17.61 0.86
CA TYR B 92 -4.53 -18.89 0.23
C TYR B 92 -3.27 -19.63 -0.21
N ARG B 93 -2.39 -18.95 -0.93
CA ARG B 93 -1.18 -19.59 -1.44
C ARG B 93 -0.14 -19.79 -0.35
N SER B 94 -0.10 -18.89 0.64
CA SER B 94 0.94 -18.91 1.66
C SER B 94 0.56 -19.73 2.89
N LYS B 95 -0.66 -20.25 2.96
CA LYS B 95 -1.10 -20.92 4.18
C LYS B 95 -0.26 -22.15 4.49
N ASP B 96 -0.08 -23.02 3.50
CA ASP B 96 0.68 -24.25 3.74
C ASP B 96 2.15 -23.94 3.97
N PHE B 97 2.71 -22.98 3.24
CA PHE B 97 4.09 -22.56 3.47
C PHE B 97 4.27 -22.08 4.91
N ILE B 98 3.33 -21.28 5.41
CA ILE B 98 3.37 -20.86 6.81
C ILE B 98 3.28 -22.07 7.73
N ASP B 99 2.41 -23.02 7.39
CA ASP B 99 2.26 -24.22 8.20
C ASP B 99 3.49 -25.11 8.18
N THR B 100 4.46 -24.85 7.29
CA THR B 100 5.69 -25.62 7.27
C THR B 100 6.90 -24.85 7.81
N THR B 101 6.69 -23.73 8.50
CA THR B 101 7.79 -22.97 9.07
C THR B 101 7.98 -23.28 10.55
N PHE B 102 9.19 -22.98 11.05
CA PHE B 102 9.46 -23.08 12.47
C PHE B 102 8.89 -21.89 13.24
N ALA B 103 8.95 -20.69 12.63
CA ALA B 103 8.47 -19.49 13.30
C ALA B 103 6.97 -19.59 13.60
N TYR B 104 6.20 -20.16 12.67
CA TYR B 104 4.79 -20.37 12.93
C TYR B 104 4.56 -21.35 14.07
N LYS B 105 5.42 -22.37 14.20
CA LYS B 105 5.34 -23.26 15.36
C LYS B 105 5.57 -22.51 16.66
N ILE B 106 6.59 -21.65 16.69
CA ILE B 106 6.87 -20.87 17.89
C ILE B 106 5.67 -19.98 18.22
N ILE B 107 5.11 -19.33 17.20
CA ILE B 107 3.95 -18.46 17.44
C ILE B 107 2.75 -19.27 17.91
N GLN B 108 2.59 -20.49 17.39
CA GLN B 108 1.54 -21.38 17.86
C GLN B 108 1.69 -21.65 19.35
N ASP B 109 2.88 -22.02 19.79
CA ASP B 109 3.09 -22.30 21.21
C ASP B 109 3.05 -21.02 22.06
N MET B 110 3.15 -19.86 21.44
CA MET B 110 3.26 -18.59 22.17
C MET B 110 1.88 -18.13 22.65
N PRO B 111 1.71 -17.84 23.94
CA PRO B 111 0.48 -17.18 24.40
C PRO B 111 0.48 -15.71 24.01
N LYS B 112 -0.46 -15.33 23.14
CA LYS B 112 -0.47 -14.01 22.54
C LYS B 112 -1.36 -13.01 23.29
N GLY B 113 -1.94 -13.40 24.40
CA GLY B 113 -2.78 -12.49 25.18
C GLY B 113 -4.25 -12.59 24.78
N GLY B 114 -4.75 -11.57 24.08
CA GLY B 114 -6.15 -11.48 23.77
C GLY B 114 -6.40 -11.18 22.30
N ALA B 115 -7.61 -11.54 21.86
CA ALA B 115 -8.10 -11.24 20.52
C ALA B 115 -9.25 -10.25 20.68
N LEU B 116 -8.97 -8.98 20.41
CA LEU B 116 -9.90 -7.89 20.70
C LEU B 116 -10.83 -7.55 19.54
N HIS B 117 -10.64 -8.16 18.37
CA HIS B 117 -11.46 -7.86 17.20
C HIS B 117 -11.93 -9.18 16.59
N LEU B 118 -13.09 -9.66 17.06
CA LEU B 118 -13.67 -10.91 16.60
C LEU B 118 -15.15 -10.72 16.34
N HIS B 119 -15.70 -11.58 15.49
CA HIS B 119 -17.12 -11.63 15.21
C HIS B 119 -17.65 -13.03 15.53
N ASP B 120 -18.79 -13.08 16.21
CA ASP B 120 -19.24 -14.32 16.83
C ASP B 120 -19.64 -15.40 15.84
N THR B 121 -20.02 -15.03 14.62
CA THR B 121 -20.46 -16.04 13.66
C THR B 121 -19.34 -16.59 12.81
N ALA B 122 -18.12 -16.07 12.93
CA ALA B 122 -17.00 -16.58 12.15
C ALA B 122 -15.72 -16.61 12.97
N SER B 123 -15.83 -17.01 14.24
CA SER B 123 -14.68 -17.19 15.12
C SER B 123 -14.46 -18.65 15.51
N ALA B 124 -15.14 -19.58 14.84
CA ALA B 124 -14.90 -21.01 15.02
C ALA B 124 -14.77 -21.66 13.65
N ARG B 125 -14.07 -22.80 13.63
CA ARG B 125 -13.80 -23.46 12.36
C ARG B 125 -15.08 -23.90 11.67
N ILE B 126 -15.12 -23.77 10.35
CA ILE B 126 -16.23 -24.28 9.56
C ILE B 126 -16.35 -25.79 9.73
N ASP B 127 -15.22 -26.46 9.97
CA ASP B 127 -15.24 -27.91 10.18
C ASP B 127 -16.12 -28.30 11.34
N TRP B 128 -16.19 -27.48 12.39
CA TRP B 128 -17.09 -27.80 13.50
C TRP B 128 -18.55 -27.76 13.06
N ILE B 129 -18.92 -26.76 12.25
CA ILE B 129 -20.29 -26.69 11.75
C ILE B 129 -20.61 -27.87 10.86
N VAL B 130 -19.67 -28.23 9.97
CA VAL B 130 -19.94 -29.30 9.00
C VAL B 130 -20.00 -30.65 9.70
N SER B 131 -19.04 -30.92 10.60
CA SER B 131 -18.93 -32.24 11.21
C SER B 131 -19.81 -32.42 12.44
N ASN B 132 -20.34 -31.34 13.01
CA ASN B 132 -21.21 -31.44 14.17
C ASN B 132 -22.60 -30.90 13.90
N ALA B 133 -22.72 -29.65 13.42
CA ALA B 133 -24.03 -29.02 13.33
C ALA B 133 -24.89 -29.66 12.24
N THR B 134 -24.33 -29.92 11.06
CA THR B 134 -25.09 -30.52 9.99
C THR B 134 -25.31 -32.02 10.19
N TYR B 135 -24.78 -32.59 11.27
CA TYR B 135 -25.10 -33.94 11.68
C TYR B 135 -26.19 -33.97 12.74
N ARG B 136 -26.76 -32.83 13.10
CA ARG B 136 -27.85 -32.77 14.06
C ARG B 136 -29.19 -32.90 13.35
N ASP B 137 -30.24 -33.12 14.14
CA ASP B 137 -31.58 -33.27 13.61
C ASP B 137 -32.15 -31.92 13.21
N HIS B 138 -33.10 -31.96 12.27
CA HIS B 138 -33.85 -30.80 11.78
C HIS B 138 -32.99 -29.84 10.97
N VAL B 139 -31.86 -30.28 10.44
CA VAL B 139 -30.97 -29.44 9.66
C VAL B 139 -31.21 -29.72 8.18
N TYR B 140 -31.59 -28.67 7.45
CA TYR B 140 -31.87 -28.74 6.02
C TYR B 140 -30.83 -27.93 5.25
N MET B 141 -30.74 -28.22 3.95
CA MET B 141 -29.79 -27.57 3.06
C MET B 141 -30.47 -27.31 1.73
N CYS B 142 -29.93 -26.32 1.00
CA CYS B 142 -30.44 -26.04 -0.34
C CYS B 142 -29.38 -25.30 -1.14
N MET B 143 -29.40 -25.50 -2.46
CA MET B 143 -28.53 -24.77 -3.38
C MET B 143 -29.31 -23.59 -3.93
N ASP B 144 -28.86 -22.38 -3.63
CA ASP B 144 -29.59 -21.19 -4.04
C ASP B 144 -29.33 -20.90 -5.52
N GLN B 145 -29.86 -19.78 -6.00
CA GLN B 145 -29.76 -19.43 -7.41
C GLN B 145 -28.35 -19.06 -7.84
N ASP B 146 -27.43 -18.87 -6.89
CA ASP B 146 -26.03 -18.60 -7.17
C ASP B 146 -25.14 -19.83 -7.01
N ASN B 147 -25.75 -21.02 -6.90
CA ASN B 147 -25.03 -22.27 -6.70
C ASN B 147 -24.18 -22.22 -5.43
N PHE B 148 -24.81 -21.80 -4.33
CA PHE B 148 -24.21 -21.76 -3.01
C PHE B 148 -25.07 -22.56 -2.05
N VAL B 149 -24.43 -23.42 -1.25
CA VAL B 149 -25.15 -24.22 -0.28
C VAL B 149 -25.56 -23.34 0.89
N ARG B 150 -26.80 -23.45 1.32
CA ARG B 150 -27.33 -22.73 2.47
C ARG B 150 -27.90 -23.75 3.44
N LEU B 151 -27.53 -23.62 4.71
CA LEU B 151 -27.96 -24.52 5.77
C LEU B 151 -28.91 -23.79 6.72
N THR B 152 -29.93 -24.51 7.17
CA THR B 152 -30.91 -23.92 8.08
C THR B 152 -31.43 -24.99 9.01
N VAL B 153 -32.17 -24.58 10.02
CA VAL B 153 -32.80 -25.48 10.98
C VAL B 153 -34.29 -25.17 11.01
N SER B 154 -35.12 -26.19 10.78
CA SER B 154 -36.57 -26.03 10.81
C SER B 154 -37.16 -27.22 11.55
N GLY B 155 -37.74 -26.96 12.72
CA GLY B 155 -38.36 -28.00 13.51
C GLY B 155 -39.78 -28.36 13.12
N THR B 156 -40.33 -27.69 12.11
CA THR B 156 -41.72 -27.88 11.68
C THR B 156 -41.78 -28.42 10.27
N GLY B 157 -40.95 -29.43 9.97
CA GLY B 157 -40.90 -30.02 8.66
C GLY B 157 -40.01 -29.23 7.72
N PRO B 158 -40.17 -29.44 6.41
CA PRO B 158 -39.37 -28.72 5.43
C PRO B 158 -39.55 -27.21 5.58
N PRO B 159 -38.48 -26.45 5.39
CA PRO B 159 -38.55 -25.00 5.60
C PRO B 159 -39.56 -24.32 4.68
N ALA B 160 -40.04 -23.16 5.13
CA ALA B 160 -41.14 -22.47 4.45
C ALA B 160 -40.72 -21.95 3.07
N ASN B 161 -39.49 -21.47 2.93
CA ASN B 161 -39.06 -20.90 1.66
C ASN B 161 -39.05 -21.97 0.58
N SER B 162 -39.53 -21.61 -0.60
CA SER B 162 -39.55 -22.51 -1.74
C SER B 162 -38.68 -22.04 -2.89
N GLY B 163 -38.03 -20.88 -2.77
CA GLY B 163 -37.11 -20.42 -3.79
C GLY B 163 -35.93 -21.36 -4.02
N CYS B 164 -35.63 -22.20 -3.04
CA CYS B 164 -34.68 -23.30 -3.20
C CYS B 164 -35.25 -24.51 -2.49
N GLU B 165 -35.13 -25.67 -3.13
CA GLU B 165 -35.72 -26.89 -2.58
C GLU B 165 -34.91 -27.34 -1.37
N TRP B 166 -35.49 -27.22 -0.18
CA TRP B 166 -34.80 -27.57 1.06
C TRP B 166 -34.89 -29.07 1.29
N LYS B 167 -33.74 -29.71 1.41
CA LYS B 167 -33.64 -31.14 1.66
C LYS B 167 -32.78 -31.37 2.89
N LEU B 168 -33.16 -32.34 3.71
CA LEU B 168 -32.37 -32.66 4.90
C LEU B 168 -30.96 -33.05 4.50
N VAL B 169 -29.98 -32.50 5.23
CA VAL B 169 -28.58 -32.83 4.96
C VAL B 169 -28.33 -34.32 5.15
N GLU B 170 -29.12 -34.97 6.01
CA GLU B 170 -28.99 -36.41 6.21
C GLU B 170 -29.26 -37.17 4.91
N THR B 171 -30.31 -36.79 4.19
CA THR B 171 -30.67 -37.49 2.96
C THR B 171 -29.61 -37.29 1.88
N GLU B 172 -29.17 -36.05 1.69
CA GLU B 172 -28.15 -35.77 0.67
C GLU B 172 -26.84 -36.46 1.00
N ARG B 173 -26.49 -36.52 2.30
CA ARG B 173 -25.31 -37.26 2.71
C ARG B 173 -25.49 -38.76 2.44
N ALA B 174 -26.70 -39.27 2.62
CA ALA B 174 -26.96 -40.68 2.34
C ALA B 174 -26.75 -40.99 0.86
N ASN B 175 -27.33 -40.17 -0.02
CA ASN B 175 -27.20 -40.42 -1.45
C ASN B 175 -25.82 -40.04 -2.00
N SER B 176 -24.97 -39.39 -1.20
CA SER B 176 -23.70 -38.88 -1.72
C SER B 176 -22.76 -40.00 -2.15
N GLY B 177 -22.81 -41.14 -1.48
CA GLY B 177 -21.89 -42.22 -1.77
C GLY B 177 -20.63 -42.14 -0.92
N ASP B 178 -19.84 -41.09 -1.13
CA ASP B 178 -18.64 -40.84 -0.34
C ASP B 178 -18.96 -39.71 0.64
N ILE B 179 -19.15 -40.08 1.91
CA ILE B 179 -19.57 -39.11 2.92
C ILE B 179 -18.47 -38.09 3.19
N ALA B 180 -17.22 -38.53 3.20
CA ALA B 180 -16.11 -37.61 3.38
C ALA B 180 -16.05 -36.58 2.27
N ALA B 181 -16.26 -37.03 1.02
CA ALA B 181 -16.30 -36.09 -0.10
C ALA B 181 -17.46 -35.13 0.03
N PHE B 182 -18.61 -35.62 0.50
CA PHE B 182 -19.78 -34.76 0.67
C PHE B 182 -19.52 -33.67 1.70
N ASP B 183 -18.94 -34.03 2.84
CA ASP B 183 -18.66 -33.04 3.88
C ASP B 183 -17.58 -32.06 3.44
N HIS B 184 -16.56 -32.56 2.73
CA HIS B 184 -15.53 -31.66 2.21
C HIS B 184 -16.11 -30.70 1.18
N TRP B 185 -17.05 -31.17 0.37
CA TRP B 185 -17.73 -30.29 -0.57
C TRP B 185 -18.56 -29.24 0.16
N LEU B 186 -19.21 -29.63 1.25
CA LEU B 186 -19.91 -28.64 2.08
C LEU B 186 -18.95 -27.55 2.52
N LYS B 187 -17.82 -27.94 3.09
CA LYS B 187 -16.85 -26.95 3.53
C LYS B 187 -16.34 -26.11 2.36
N SER B 188 -16.19 -26.73 1.19
CA SER B 188 -15.68 -26.00 0.03
C SER B 188 -16.67 -24.96 -0.47
N ASN B 189 -17.95 -25.33 -0.57
CA ASN B 189 -19.00 -24.40 -0.96
C ASN B 189 -19.23 -23.34 0.12
N ILE B 190 -18.78 -23.57 1.34
CA ILE B 190 -18.94 -22.58 2.41
C ILE B 190 -17.71 -21.70 2.58
N SER B 191 -16.50 -22.26 2.49
CA SER B 191 -15.29 -21.53 2.85
C SER B 191 -14.88 -20.56 1.75
N LEU B 192 -14.26 -19.45 2.19
CA LEU B 192 -13.69 -18.48 1.27
C LEU B 192 -12.34 -18.89 0.72
N LEU B 193 -11.64 -19.82 1.38
CA LEU B 193 -10.28 -20.18 1.00
C LEU B 193 -10.22 -21.42 0.12
N THR B 194 -11.37 -21.91 -0.35
CA THR B 194 -11.35 -23.03 -1.29
C THR B 194 -10.62 -22.66 -2.57
N THR B 195 -10.83 -21.45 -3.05
CA THR B 195 -10.08 -20.87 -4.14
C THR B 195 -9.33 -19.64 -3.65
N ASP B 196 -8.43 -19.13 -4.47
CA ASP B 196 -7.71 -17.92 -4.13
C ASP B 196 -8.65 -16.73 -4.26
N PRO B 197 -9.07 -16.09 -3.16
CA PRO B 197 -10.03 -14.98 -3.28
C PRO B 197 -9.49 -13.82 -4.09
N LEU B 198 -8.17 -13.61 -4.08
CA LEU B 198 -7.57 -12.53 -4.86
C LEU B 198 -7.64 -12.77 -6.36
N VAL B 199 -7.98 -13.99 -6.79
CA VAL B 199 -8.10 -14.33 -8.19
C VAL B 199 -9.56 -14.57 -8.58
N THR B 200 -10.26 -15.42 -7.83
CA THR B 200 -11.65 -15.74 -8.16
C THR B 200 -12.61 -14.60 -7.83
N TYR B 201 -12.24 -13.72 -6.90
CA TYR B 201 -13.02 -12.53 -6.57
C TYR B 201 -12.09 -11.33 -6.59
N PRO B 202 -11.60 -10.93 -7.80
CA PRO B 202 -10.56 -9.92 -7.91
C PRO B 202 -11.08 -8.48 -7.85
N SER B 203 -11.94 -8.21 -6.87
CA SER B 203 -12.49 -6.89 -6.65
C SER B 203 -12.99 -6.81 -5.23
N LEU B 204 -12.89 -5.61 -4.64
CA LEU B 204 -13.39 -5.42 -3.29
C LEU B 204 -14.86 -5.77 -3.20
N ASP B 205 -15.66 -5.34 -4.19
CA ASP B 205 -17.08 -5.60 -4.18
C ASP B 205 -17.39 -7.08 -4.34
N LYS B 206 -16.66 -7.77 -5.23
CA LYS B 206 -16.93 -9.19 -5.45
C LYS B 206 -16.60 -10.02 -4.21
N VAL B 207 -15.44 -9.76 -3.60
CA VAL B 207 -15.07 -10.52 -2.41
C VAL B 207 -15.97 -10.17 -1.23
N TRP B 208 -16.42 -8.91 -1.13
CA TRP B 208 -17.39 -8.57 -0.10
C TRP B 208 -18.72 -9.28 -0.33
N GLY B 209 -19.12 -9.42 -1.61
CA GLY B 209 -20.29 -10.22 -1.92
C GLY B 209 -20.12 -11.66 -1.49
N ARG B 210 -18.93 -12.22 -1.71
CA ARG B 210 -18.68 -13.59 -1.24
C ARG B 210 -18.75 -13.68 0.28
N PHE B 211 -18.22 -12.68 0.98
CA PHE B 211 -18.28 -12.65 2.45
C PHE B 211 -19.72 -12.63 2.94
N ASP B 212 -20.54 -11.74 2.38
CA ASP B 212 -21.94 -11.66 2.76
C ASP B 212 -22.69 -12.94 2.38
N LYS B 213 -22.31 -13.56 1.25
CA LYS B 213 -22.89 -14.83 0.86
C LYS B 213 -22.57 -15.91 1.88
N HIS B 214 -21.33 -15.93 2.38
CA HIS B 214 -20.94 -16.87 3.43
C HIS B 214 -21.81 -16.70 4.67
N PHE B 215 -22.00 -15.44 5.09
CA PHE B 215 -22.82 -15.19 6.26
C PHE B 215 -24.26 -15.61 6.04
N SER B 216 -24.82 -15.34 4.85
CA SER B 216 -26.18 -15.77 4.57
C SER B 216 -26.28 -17.29 4.46
N GLN B 217 -25.21 -17.96 4.03
CA GLN B 217 -25.18 -19.41 4.00
C GLN B 217 -25.31 -19.98 5.41
N LEU B 218 -24.56 -19.42 6.36
CA LEU B 218 -24.54 -19.99 7.70
C LEU B 218 -25.58 -19.40 8.64
N ARG B 219 -26.32 -18.37 8.22
CA ARG B 219 -27.23 -17.67 9.13
C ARG B 219 -28.32 -18.59 9.66
N GLY B 220 -28.94 -19.39 8.79
CA GLY B 220 -30.09 -20.17 9.19
C GLY B 220 -29.76 -21.20 10.26
N ILE B 221 -28.61 -21.85 10.14
CA ILE B 221 -28.25 -22.89 11.08
C ILE B 221 -27.54 -22.33 12.31
N ILE B 222 -26.73 -21.29 12.15
CA ILE B 222 -25.91 -20.80 13.25
C ILE B 222 -26.70 -20.01 14.28
N TYR B 223 -27.92 -19.59 13.97
CA TYR B 223 -28.73 -18.84 14.92
C TYR B 223 -29.69 -19.71 15.72
N HIS B 224 -29.74 -21.02 15.46
CA HIS B 224 -30.47 -21.92 16.32
C HIS B 224 -29.80 -21.96 17.69
N THR B 225 -30.61 -21.93 18.76
CA THR B 225 -30.06 -21.73 20.10
C THR B 225 -29.05 -22.80 20.52
N PRO B 226 -29.33 -24.11 20.41
CA PRO B 226 -28.30 -25.08 20.81
C PRO B 226 -27.03 -24.98 19.97
N ILE B 227 -27.20 -24.83 18.65
CA ILE B 227 -26.05 -24.77 17.76
C ILE B 227 -25.24 -23.50 18.01
N ARG B 228 -25.92 -22.37 18.23
CA ARG B 228 -25.21 -21.12 18.53
C ARG B 228 -24.47 -21.22 19.85
N ARG B 229 -25.10 -21.80 20.87
CA ARG B 229 -24.44 -21.95 22.16
C ARG B 229 -23.18 -22.81 22.03
N ASP B 230 -23.31 -23.96 21.36
CA ASP B 230 -22.16 -24.83 21.19
C ASP B 230 -21.11 -24.21 20.29
N TYR B 231 -21.52 -23.36 19.33
CA TYR B 231 -20.56 -22.70 18.46
C TYR B 231 -19.76 -21.65 19.21
N TYR B 232 -20.40 -20.88 20.10
CA TYR B 232 -19.66 -19.95 20.95
C TYR B 232 -18.72 -20.70 21.88
N ARG B 233 -19.18 -21.82 22.45
CA ARG B 233 -18.31 -22.66 23.25
C ARG B 233 -17.10 -23.14 22.45
N GLN B 234 -17.33 -23.51 21.18
CA GLN B 234 -16.24 -23.94 20.31
C GLN B 234 -15.29 -22.79 20.01
N ILE B 235 -15.82 -21.57 19.86
CA ILE B 235 -14.97 -20.40 19.69
C ILE B 235 -14.01 -20.29 20.87
N LEU B 236 -14.56 -20.38 22.08
CA LEU B 236 -13.72 -20.28 23.28
C LEU B 236 -12.69 -21.40 23.32
N GLU B 237 -13.10 -22.63 23.01
CA GLU B 237 -12.18 -23.76 23.05
C GLU B 237 -11.05 -23.61 22.04
N GLU B 238 -11.40 -23.22 20.81
CA GLU B 238 -10.40 -23.09 19.76
C GLU B 238 -9.43 -21.96 20.05
N PHE B 239 -9.93 -20.85 20.62
CA PHE B 239 -9.03 -19.75 20.94
C PHE B 239 -8.15 -20.07 22.14
N ARG B 240 -8.65 -20.85 23.11
CA ARG B 240 -7.77 -21.30 24.19
C ARG B 240 -6.71 -22.26 23.67
N SER B 241 -7.09 -23.16 22.76
CA SER B 241 -6.15 -24.15 22.24
C SER B 241 -5.01 -23.47 21.49
N ASP B 242 -5.26 -22.32 20.87
CA ASP B 242 -4.21 -21.55 20.20
C ASP B 242 -3.53 -20.57 21.14
N ASN B 243 -3.60 -20.81 22.45
CA ASN B 243 -2.89 -20.03 23.46
C ASN B 243 -3.34 -18.57 23.49
N VAL B 244 -4.62 -18.32 23.24
CA VAL B 244 -5.23 -17.01 23.44
C VAL B 244 -6.16 -17.14 24.64
N GLN B 245 -5.92 -16.35 25.67
CA GLN B 245 -6.60 -16.49 26.96
C GLN B 245 -7.75 -15.51 27.16
N TYR B 246 -7.83 -14.47 26.34
CA TYR B 246 -8.85 -13.44 26.49
C TYR B 246 -9.41 -13.09 25.12
N VAL B 247 -10.72 -12.86 25.05
CA VAL B 247 -11.36 -12.49 23.79
C VAL B 247 -12.42 -11.43 24.03
N GLU B 248 -12.60 -10.54 23.05
CA GLU B 248 -13.67 -9.56 23.04
C GLU B 248 -14.41 -9.72 21.70
N VAL B 249 -15.58 -10.33 21.76
CA VAL B 249 -16.30 -10.80 20.58
C VAL B 249 -17.46 -9.86 20.28
N ARG B 250 -17.58 -9.44 19.03
CA ARG B 250 -18.71 -8.65 18.57
C ARG B 250 -19.82 -9.59 18.12
N SER B 251 -21.04 -9.31 18.58
CA SER B 251 -22.18 -10.19 18.31
C SER B 251 -23.44 -9.34 18.17
N SER B 252 -24.40 -9.85 17.41
CA SER B 252 -25.71 -9.21 17.34
C SER B 252 -26.56 -9.57 18.55
N LEU B 253 -26.33 -10.76 19.13
CA LEU B 253 -26.86 -11.16 20.44
C LEU B 253 -28.35 -11.46 20.43
N SER B 254 -29.04 -11.16 19.33
CA SER B 254 -30.48 -11.29 19.27
C SER B 254 -30.87 -12.13 18.07
N GLY B 255 -32.06 -12.72 18.16
CA GLY B 255 -32.57 -13.56 17.10
C GLY B 255 -32.32 -15.04 17.27
N PHE B 256 -31.77 -15.47 18.39
CA PHE B 256 -31.57 -16.89 18.64
C PHE B 256 -32.93 -17.57 18.74
N PHE B 257 -33.14 -18.60 17.92
CA PHE B 257 -34.45 -19.23 17.81
C PHE B 257 -34.38 -20.70 18.22
N GLU B 258 -35.54 -21.25 18.53
CA GLU B 258 -35.69 -22.64 18.92
C GLU B 258 -36.45 -23.39 17.82
N LEU B 259 -36.67 -24.69 18.03
CA LEU B 259 -37.38 -25.49 17.04
C LEU B 259 -38.85 -25.07 16.95
N ASP B 260 -39.43 -24.57 18.05
CA ASP B 260 -40.82 -24.16 18.04
C ASP B 260 -41.05 -22.80 17.37
N GLY B 261 -39.99 -22.10 17.00
CA GLY B 261 -40.10 -20.80 16.38
C GLY B 261 -39.90 -19.62 17.31
N THR B 262 -39.71 -19.86 18.61
CA THR B 262 -39.50 -18.78 19.56
C THR B 262 -38.22 -18.02 19.20
N VAL B 263 -38.31 -16.70 19.18
CA VAL B 263 -37.18 -15.83 18.88
C VAL B 263 -36.88 -15.00 20.11
N HIS B 264 -35.64 -15.06 20.58
CA HIS B 264 -35.24 -14.40 21.82
C HIS B 264 -34.61 -13.04 21.55
N ASP B 265 -34.58 -12.21 22.58
CA ASP B 265 -34.01 -10.88 22.51
C ASP B 265 -32.51 -10.93 22.75
N ALA B 266 -31.87 -9.76 22.66
CA ALA B 266 -30.42 -9.69 22.83
C ALA B 266 -30.00 -10.08 24.25
N GLU B 267 -30.85 -9.82 25.24
CA GLU B 267 -30.51 -10.16 26.62
C GLU B 267 -30.38 -11.66 26.80
N PHE B 268 -31.25 -12.44 26.16
CA PHE B 268 -31.17 -13.90 26.26
C PHE B 268 -29.86 -14.41 25.70
N GLY B 269 -29.49 -13.97 24.50
CA GLY B 269 -28.23 -14.41 23.91
C GLY B 269 -27.02 -13.96 24.72
N LEU B 270 -27.08 -12.74 25.26
CA LEU B 270 -25.99 -12.26 26.10
C LEU B 270 -25.85 -13.12 27.35
N ASN B 271 -26.97 -13.48 27.98
CA ASN B 271 -26.91 -14.33 29.17
C ASN B 271 -26.43 -15.74 28.82
N LEU B 272 -26.80 -16.25 27.65
CA LEU B 272 -26.29 -17.55 27.21
C LEU B 272 -24.77 -17.50 27.04
N TYR B 273 -24.27 -16.46 26.38
CA TYR B 273 -22.83 -16.29 26.25
C TYR B 273 -22.17 -16.18 27.62
N LYS B 274 -22.78 -15.44 28.54
CA LYS B 274 -22.21 -15.25 29.87
C LYS B 274 -22.13 -16.58 30.63
N SER B 275 -23.19 -17.38 30.56
CA SER B 275 -23.18 -18.68 31.24
C SER B 275 -22.13 -19.61 30.64
N VAL B 276 -22.03 -19.65 29.31
CA VAL B 276 -21.02 -20.48 28.67
C VAL B 276 -19.62 -20.02 29.08
N THR B 277 -19.40 -18.70 29.12
CA THR B 277 -18.10 -18.17 29.50
C THR B 277 -17.76 -18.49 30.95
N GLU B 278 -18.75 -18.41 31.85
CA GLU B 278 -18.49 -18.73 33.24
C GLU B 278 -18.13 -20.20 33.41
N GLU B 279 -18.86 -21.10 32.72
CA GLU B 279 -18.51 -22.52 32.78
C GLU B 279 -17.11 -22.76 32.23
N PHE B 280 -16.78 -22.13 31.10
CA PHE B 280 -15.46 -22.31 30.50
C PHE B 280 -14.35 -21.80 31.42
N GLN B 281 -14.58 -20.65 32.07
CA GLN B 281 -13.61 -20.13 33.02
C GLN B 281 -13.42 -21.06 34.20
N ARG B 282 -14.51 -21.67 34.68
CA ARG B 282 -14.39 -22.63 35.77
C ARG B 282 -13.58 -23.84 35.35
N GLU B 283 -13.80 -24.33 34.12
CA GLU B 283 -13.08 -25.53 33.69
C GLU B 283 -11.59 -25.27 33.49
N TYR B 284 -11.24 -24.14 32.87
CA TYR B 284 -9.85 -23.85 32.50
C TYR B 284 -9.38 -22.59 33.21
N PRO B 285 -8.76 -22.73 34.39
CA PRO B 285 -8.31 -21.53 35.13
C PRO B 285 -7.24 -20.72 34.41
N ASP B 286 -6.46 -21.32 33.51
CA ASP B 286 -5.47 -20.56 32.77
C ASP B 286 -6.09 -19.57 31.79
N PHE B 287 -7.40 -19.67 31.56
CA PHE B 287 -8.09 -18.76 30.67
C PHE B 287 -8.43 -17.46 31.40
N ILE B 288 -8.25 -16.33 30.71
CA ILE B 288 -8.60 -15.05 31.29
C ILE B 288 -10.10 -14.78 31.18
N GLY B 289 -10.64 -14.87 29.97
CA GLY B 289 -12.08 -14.81 29.82
C GLY B 289 -12.51 -14.16 28.51
N ALA B 290 -13.80 -13.85 28.45
CA ALA B 290 -14.44 -13.31 27.27
C ALA B 290 -15.35 -12.16 27.66
N LYS B 291 -15.43 -11.17 26.78
CA LYS B 291 -16.36 -10.05 26.92
C LYS B 291 -16.99 -9.77 25.55
N ILE B 292 -18.16 -9.15 25.58
CA ILE B 292 -19.03 -9.08 24.41
C ILE B 292 -19.31 -7.62 24.05
N ILE B 293 -19.30 -7.33 22.75
CA ILE B 293 -19.69 -6.04 22.19
C ILE B 293 -20.91 -6.26 21.30
N LEU B 294 -21.84 -5.32 21.34
CA LEU B 294 -23.05 -5.39 20.51
C LEU B 294 -22.79 -4.72 19.18
N SER B 295 -22.91 -5.49 18.09
CA SER B 295 -22.64 -5.00 16.74
C SER B 295 -23.95 -4.88 15.98
N GLY B 296 -24.21 -3.70 15.44
CA GLY B 296 -25.33 -3.48 14.55
C GLY B 296 -24.85 -3.26 13.13
N LEU B 297 -25.73 -3.45 12.15
CA LEU B 297 -25.36 -3.31 10.76
C LEU B 297 -25.59 -1.87 10.30
N ARG B 298 -24.61 -1.33 9.56
CA ARG B 298 -24.61 0.08 9.18
C ARG B 298 -25.46 0.37 7.94
N PHE B 299 -26.36 -0.53 7.54
CA PHE B 299 -27.32 -0.23 6.50
C PHE B 299 -28.75 -0.25 7.01
N LYS B 300 -28.96 -0.47 8.31
CA LYS B 300 -30.29 -0.51 8.88
C LYS B 300 -30.86 0.89 9.02
N SER B 301 -32.14 0.95 9.38
CA SER B 301 -32.81 2.22 9.60
C SER B 301 -32.25 2.92 10.83
N GLN B 302 -32.31 4.25 10.81
CA GLN B 302 -31.84 5.03 11.95
C GLN B 302 -32.65 4.72 13.21
N GLU B 303 -33.94 4.43 13.06
CA GLU B 303 -34.75 4.03 14.21
C GLU B 303 -34.27 2.72 14.80
N GLU B 304 -33.97 1.74 13.94
CA GLU B 304 -33.46 0.46 14.44
C GLU B 304 -32.12 0.63 15.14
N ILE B 305 -31.24 1.46 14.58
CA ILE B 305 -29.94 1.69 15.21
C ILE B 305 -30.12 2.41 16.55
N LEU B 306 -31.06 3.35 16.62
CA LEU B 306 -31.35 4.03 17.88
C LEU B 306 -31.87 3.06 18.93
N ASN B 307 -32.78 2.17 18.54
CA ASN B 307 -33.27 1.18 19.49
C ASN B 307 -32.16 0.22 19.92
N GLU B 308 -31.26 -0.13 19.00
CA GLU B 308 -30.11 -0.94 19.36
C GLU B 308 -29.20 -0.22 20.35
N VAL B 309 -29.03 1.10 20.17
CA VAL B 309 -28.24 1.88 21.11
C VAL B 309 -28.89 1.87 22.50
N LYS B 310 -30.21 2.00 22.54
CA LYS B 310 -30.92 1.93 23.82
C LYS B 310 -30.75 0.56 24.48
N ILE B 311 -30.85 -0.50 23.68
CA ILE B 311 -30.66 -1.85 24.21
C ILE B 311 -29.24 -2.02 24.73
N ALA B 312 -28.26 -1.46 24.00
CA ALA B 312 -26.87 -1.54 24.45
C ALA B 312 -26.67 -0.78 25.74
N MET B 313 -27.31 0.38 25.89
CA MET B 313 -27.25 1.11 27.15
C MET B 313 -27.81 0.27 28.29
N ASP B 314 -28.97 -0.35 28.08
CA ASP B 314 -29.58 -1.17 29.12
C ASP B 314 -28.70 -2.34 29.49
N LEU B 315 -28.10 -3.01 28.49
CA LEU B 315 -27.27 -4.17 28.77
C LEU B 315 -25.94 -3.78 29.40
N HIS B 316 -25.41 -2.60 29.08
CA HIS B 316 -24.21 -2.11 29.72
C HIS B 316 -24.49 -1.72 31.18
N LYS B 317 -25.69 -1.21 31.46
CA LYS B 317 -26.06 -0.95 32.85
C LYS B 317 -26.25 -2.25 33.62
N LYS B 318 -26.95 -3.22 33.03
CA LYS B 318 -27.31 -4.44 33.74
C LYS B 318 -26.15 -5.43 33.84
N TYR B 319 -25.28 -5.48 32.82
CA TYR B 319 -24.13 -6.38 32.81
C TYR B 319 -22.88 -5.57 32.49
N PRO B 320 -22.48 -4.67 33.38
CA PRO B 320 -21.30 -3.82 33.08
C PRO B 320 -20.00 -4.59 32.98
N ASP B 321 -19.92 -5.78 33.60
CA ASP B 321 -18.69 -6.55 33.59
C ASP B 321 -18.53 -7.43 32.36
N PHE B 322 -19.63 -7.80 31.71
CA PHE B 322 -19.60 -8.68 30.55
C PHE B 322 -19.92 -7.97 29.24
N PHE B 323 -20.82 -7.00 29.27
CA PHE B 323 -21.19 -6.22 28.10
C PHE B 323 -20.33 -4.96 28.03
N LEU B 324 -19.70 -4.73 26.87
CA LEU B 324 -18.71 -3.67 26.72
C LEU B 324 -19.31 -2.40 26.11
N GLY B 325 -19.87 -2.51 24.91
CA GLY B 325 -20.37 -1.33 24.23
C GLY B 325 -21.08 -1.63 22.92
N TYR B 326 -20.91 -0.76 21.94
CA TYR B 326 -21.63 -0.87 20.68
C TYR B 326 -20.67 -0.61 19.51
N ASP B 327 -21.04 -1.14 18.35
CA ASP B 327 -20.22 -1.03 17.16
C ASP B 327 -21.12 -1.18 15.93
N LEU B 328 -20.81 -0.45 14.88
CA LEU B 328 -21.50 -0.57 13.60
C LEU B 328 -20.60 -1.31 12.62
N VAL B 329 -21.06 -2.47 12.15
CA VAL B 329 -20.28 -3.33 11.28
C VAL B 329 -20.98 -3.46 9.93
N GLY B 330 -20.38 -4.21 9.02
CA GLY B 330 -20.82 -4.28 7.64
C GLY B 330 -19.91 -3.47 6.73
N GLN B 331 -20.02 -3.74 5.44
CA GLN B 331 -19.16 -3.08 4.46
C GLN B 331 -19.34 -1.57 4.54
N GLU B 332 -18.23 -0.86 4.73
CA GLU B 332 -18.29 0.57 5.04
C GLU B 332 -18.30 1.46 3.82
N ASP B 333 -17.77 0.99 2.69
CA ASP B 333 -17.73 1.82 1.49
C ASP B 333 -19.12 2.19 0.96
N PRO B 334 -20.04 1.25 0.72
CA PRO B 334 -21.32 1.63 0.09
C PRO B 334 -22.47 1.88 1.06
N ASN B 335 -22.23 1.86 2.38
CA ASN B 335 -23.29 1.98 3.36
C ASN B 335 -23.21 3.34 4.06
N PHE B 336 -24.07 3.51 5.08
CA PHE B 336 -24.20 4.78 5.75
C PHE B 336 -22.98 5.12 6.59
N SER B 337 -22.70 6.42 6.72
CA SER B 337 -21.57 6.90 7.50
C SER B 337 -21.96 7.00 8.98
N LEU B 338 -20.94 7.22 9.81
CA LEU B 338 -21.19 7.41 11.24
C LEU B 338 -22.00 8.68 11.49
N LEU B 339 -21.73 9.73 10.72
CA LEU B 339 -22.49 10.97 10.85
C LEU B 339 -23.97 10.76 10.52
N HIS B 340 -24.26 9.88 9.56
CA HIS B 340 -25.64 9.60 9.18
C HIS B 340 -26.45 9.04 10.35
N TYR B 341 -25.78 8.37 11.30
CA TYR B 341 -26.41 7.83 12.49
C TYR B 341 -26.25 8.74 13.70
N LEU B 342 -25.82 9.99 13.49
CA LEU B 342 -25.36 10.84 14.58
C LEU B 342 -26.37 10.90 15.72
N ASP B 343 -27.65 11.13 15.39
CA ASP B 343 -28.70 11.15 16.40
C ASP B 343 -28.58 9.95 17.33
N ALA B 344 -28.70 8.75 16.76
CA ALA B 344 -28.63 7.54 17.57
C ALA B 344 -27.32 7.45 18.33
N LEU B 345 -26.23 7.92 17.74
CA LEU B 345 -24.93 7.83 18.38
C LEU B 345 -24.76 8.85 19.50
N LEU B 346 -25.52 9.95 19.47
CA LEU B 346 -25.45 10.95 20.54
C LEU B 346 -26.50 10.74 21.61
N TYR B 347 -27.39 9.76 21.44
CA TYR B 347 -28.44 9.54 22.42
C TYR B 347 -27.93 9.26 23.82
N PRO B 348 -26.90 8.43 24.05
CA PRO B 348 -26.44 8.23 25.43
C PRO B 348 -25.97 9.51 26.11
N SER B 349 -25.31 10.40 25.37
CA SER B 349 -24.69 11.57 25.98
C SER B 349 -25.69 12.69 26.28
N ILE B 350 -26.84 12.72 25.61
CA ILE B 350 -27.80 13.80 25.80
C ILE B 350 -28.74 13.56 26.96
N GLN B 351 -28.62 12.43 27.66
CA GLN B 351 -29.50 12.13 28.78
C GLN B 351 -29.13 12.99 29.98
N ASN B 352 -30.03 13.00 30.97
CA ASN B 352 -29.83 13.73 32.21
C ASN B 352 -29.90 12.77 33.39
N PRO B 353 -28.76 12.37 33.98
CA PRO B 353 -27.37 12.75 33.63
C PRO B 353 -26.89 12.07 32.35
N PRO B 354 -25.88 12.62 31.69
CA PRO B 354 -25.35 11.98 30.48
C PRO B 354 -24.84 10.58 30.77
N TYR B 355 -25.11 9.66 29.85
CA TYR B 355 -24.68 8.28 29.95
C TYR B 355 -23.52 8.03 28.99
N ARG B 356 -22.52 7.29 29.47
CA ARG B 356 -21.30 7.05 28.70
C ARG B 356 -21.34 5.62 28.17
N LEU B 357 -21.83 5.46 26.94
CA LEU B 357 -21.86 4.16 26.30
C LEU B 357 -20.58 3.97 25.48
N PRO B 358 -19.73 3.02 25.83
CA PRO B 358 -18.47 2.84 25.08
C PRO B 358 -18.73 2.40 23.65
N TYR B 359 -17.81 2.79 22.77
CA TYR B 359 -17.92 2.48 21.35
C TYR B 359 -16.64 1.83 20.86
N PHE B 360 -16.81 0.92 19.89
CA PHE B 360 -15.71 0.17 19.29
C PHE B 360 -15.83 0.22 17.77
N PHE B 361 -16.02 1.42 17.23
CA PHE B 361 -16.42 1.60 15.85
C PHE B 361 -15.43 0.99 14.86
N HIS B 362 -15.95 0.21 13.92
CA HIS B 362 -15.23 -0.03 12.67
C HIS B 362 -15.13 1.29 11.92
N ALA B 363 -13.92 1.73 11.61
CA ALA B 363 -13.74 3.06 11.03
C ALA B 363 -12.70 3.03 9.92
N ALA B 364 -13.06 3.65 8.79
CA ALA B 364 -12.14 3.89 7.67
C ALA B 364 -11.48 2.61 7.18
N GLU B 365 -12.30 1.58 6.96
CA GLU B 365 -11.83 0.34 6.32
C GLU B 365 -11.92 0.49 4.80
N THR B 366 -11.18 1.47 4.28
CA THR B 366 -11.37 1.91 2.91
C THR B 366 -10.04 2.33 2.30
N ASN B 367 -10.00 2.30 0.97
CA ASN B 367 -8.89 2.84 0.19
C ASN B 367 -9.13 4.28 -0.24
N TRP B 368 -10.26 4.88 0.14
CA TRP B 368 -10.58 6.24 -0.26
C TRP B 368 -9.92 7.25 0.67
N GLN B 369 -9.95 8.52 0.26
CA GLN B 369 -9.40 9.61 1.05
C GLN B 369 -10.33 10.81 0.96
N GLU B 370 -10.55 11.47 2.10
CA GLU B 370 -11.39 12.67 2.21
C GLU B 370 -12.81 12.40 1.72
N THR B 371 -13.33 11.21 2.01
CA THR B 371 -14.72 10.85 1.75
C THR B 371 -15.42 10.62 3.08
N GLU B 372 -16.70 10.25 3.00
CA GLU B 372 -17.45 9.92 4.21
C GLU B 372 -16.81 8.75 4.94
N VAL B 373 -16.32 7.76 4.19
CA VAL B 373 -15.87 6.51 4.79
C VAL B 373 -14.70 6.74 5.74
N ASP B 374 -13.66 7.44 5.26
CA ASP B 374 -12.51 7.70 6.11
C ASP B 374 -12.74 8.87 7.06
N TYR B 375 -13.65 9.79 6.74
CA TYR B 375 -14.04 10.83 7.68
C TYR B 375 -14.93 10.30 8.80
N ASN B 376 -15.36 9.04 8.72
CA ASN B 376 -15.94 8.39 9.89
C ASN B 376 -14.96 8.35 11.06
N LEU B 377 -13.66 8.47 10.78
CA LEU B 377 -12.67 8.52 11.86
C LEU B 377 -12.90 9.72 12.77
N ALA B 378 -13.22 10.88 12.18
CA ALA B 378 -13.49 12.06 12.99
C ALA B 378 -14.68 11.83 13.92
N ASP B 379 -15.75 11.24 13.39
CA ASP B 379 -16.91 10.94 14.23
C ASP B 379 -16.55 9.94 15.33
N ALA B 380 -15.77 8.91 14.98
CA ALA B 380 -15.39 7.92 15.98
C ALA B 380 -14.55 8.55 17.10
N LEU B 381 -13.60 9.41 16.73
CA LEU B 381 -12.78 10.07 17.73
C LEU B 381 -13.61 11.01 18.60
N LEU B 382 -14.53 11.76 18.00
CA LEU B 382 -15.33 12.70 18.77
C LEU B 382 -16.35 11.99 19.65
N LEU B 383 -16.75 10.79 19.28
CA LEU B 383 -17.65 9.98 20.10
C LEU B 383 -16.90 9.17 21.16
N ASN B 384 -15.65 9.52 21.42
CA ASN B 384 -14.86 8.94 22.52
C ASN B 384 -14.79 7.41 22.41
N THR B 385 -14.50 6.92 21.20
CA THR B 385 -14.42 5.48 20.99
C THR B 385 -13.25 4.89 21.77
N THR B 386 -13.45 3.70 22.32
CA THR B 386 -12.39 3.03 23.07
C THR B 386 -11.28 2.55 22.13
N ARG B 387 -11.64 1.90 21.04
CA ARG B 387 -10.71 1.45 20.02
C ARG B 387 -11.33 1.63 18.65
N VAL B 388 -10.47 1.62 17.63
CA VAL B 388 -10.90 1.77 16.24
C VAL B 388 -10.60 0.48 15.51
N GLY B 389 -11.61 -0.06 14.82
CA GLY B 389 -11.41 -1.24 14.00
C GLY B 389 -10.80 -0.87 12.66
N HIS B 390 -9.71 -1.57 12.31
CA HIS B 390 -9.01 -1.42 11.04
C HIS B 390 -8.30 -0.08 10.92
N GLY B 391 -9.04 1.00 10.66
CA GLY B 391 -8.41 2.30 10.50
C GLY B 391 -7.40 2.36 9.38
N PHE B 392 -7.71 1.75 8.24
CA PHE B 392 -6.74 1.65 7.16
C PHE B 392 -6.34 3.01 6.62
N ALA B 393 -7.25 3.99 6.65
CA ALA B 393 -6.98 5.33 6.14
C ALA B 393 -6.60 6.31 7.24
N LEU B 394 -6.38 5.83 8.47
CA LEU B 394 -6.02 6.72 9.55
C LEU B 394 -4.68 7.41 9.29
N ILE B 395 -3.72 6.67 8.75
CA ILE B 395 -2.40 7.25 8.49
C ILE B 395 -2.48 8.35 7.45
N LYS B 396 -3.45 8.28 6.55
CA LYS B 396 -3.63 9.33 5.55
C LYS B 396 -4.10 10.65 6.16
N HIS B 397 -4.58 10.63 7.41
CA HIS B 397 -5.05 11.84 8.09
C HIS B 397 -4.16 12.12 9.29
N PRO B 398 -3.26 13.11 9.21
CA PRO B 398 -2.27 13.29 10.29
C PRO B 398 -2.89 13.69 11.62
N ARG B 399 -3.75 14.72 11.64
CA ARG B 399 -4.30 15.20 12.90
C ARG B 399 -5.17 14.12 13.56
N PHE B 400 -5.87 13.32 12.76
CA PHE B 400 -6.63 12.21 13.34
C PHE B 400 -5.69 11.23 14.06
N THR B 401 -4.57 10.91 13.43
CA THR B 401 -3.60 10.01 14.04
C THR B 401 -3.06 10.60 15.35
N GLU B 402 -2.70 11.88 15.33
CA GLU B 402 -2.16 12.51 16.53
C GLU B 402 -3.18 12.54 17.65
N LEU B 403 -4.43 12.92 17.33
CA LEU B 403 -5.46 13.01 18.36
C LEU B 403 -5.80 11.64 18.93
N ALA B 404 -5.87 10.62 18.09
CA ALA B 404 -6.12 9.27 18.58
C ALA B 404 -4.97 8.78 19.44
N LYS B 405 -3.74 9.13 19.08
CA LYS B 405 -2.60 8.75 19.89
C LYS B 405 -2.64 9.43 21.25
N GLU B 406 -3.01 10.71 21.29
CA GLU B 406 -3.13 11.41 22.56
C GLU B 406 -4.23 10.80 23.43
N ASN B 407 -5.40 10.55 22.83
CA ASN B 407 -6.52 10.00 23.57
C ASN B 407 -6.34 8.52 23.92
N GLY B 408 -5.32 7.87 23.38
CA GLY B 408 -5.09 6.47 23.69
C GLY B 408 -5.96 5.49 22.95
N VAL B 409 -6.59 5.92 21.85
CA VAL B 409 -7.48 5.04 21.08
C VAL B 409 -6.61 4.11 20.25
N ALA B 410 -6.58 2.84 20.63
CA ALA B 410 -5.80 1.85 19.90
C ALA B 410 -6.52 1.44 18.61
N VAL B 411 -5.77 0.80 17.73
CA VAL B 411 -6.29 0.33 16.45
C VAL B 411 -6.19 -1.18 16.39
N GLU B 412 -7.30 -1.83 16.05
CA GLU B 412 -7.36 -3.28 15.89
C GLU B 412 -6.99 -3.62 14.45
N VAL B 413 -5.75 -4.07 14.25
CA VAL B 413 -5.25 -4.42 12.93
C VAL B 413 -5.53 -5.89 12.68
N ASN B 414 -6.24 -6.18 11.58
CA ASN B 414 -6.54 -7.55 11.15
C ASN B 414 -5.92 -7.72 9.76
N PRO B 415 -4.68 -8.20 9.68
CA PRO B 415 -3.94 -8.18 8.41
C PRO B 415 -4.56 -9.03 7.31
N ILE B 416 -4.84 -10.30 7.65
CA ILE B 416 -5.36 -11.23 6.65
C ILE B 416 -6.74 -10.76 6.17
N SER B 417 -7.56 -10.23 7.08
CA SER B 417 -8.87 -9.73 6.68
C SER B 417 -8.73 -8.56 5.72
N ASN B 418 -7.80 -7.65 5.99
CA ASN B 418 -7.59 -6.52 5.09
C ASN B 418 -7.07 -6.97 3.73
N GLN B 419 -6.25 -8.02 3.69
CA GLN B 419 -5.80 -8.53 2.40
C GLN B 419 -6.94 -9.18 1.63
N ILE B 420 -7.68 -10.08 2.27
CA ILE B 420 -8.68 -10.87 1.56
C ILE B 420 -9.85 -10.01 1.10
N LEU B 421 -10.32 -9.12 1.97
CA LEU B 421 -11.48 -8.29 1.66
C LEU B 421 -11.17 -7.13 0.74
N GLY B 422 -9.99 -7.10 0.12
CA GLY B 422 -9.72 -6.22 -0.98
C GLY B 422 -9.06 -4.89 -0.66
N LEU B 423 -8.68 -4.65 0.59
CA LEU B 423 -8.00 -3.40 0.91
C LEU B 423 -6.57 -3.39 0.41
N VAL B 424 -5.84 -4.49 0.59
CA VAL B 424 -4.44 -4.58 0.22
C VAL B 424 -4.19 -5.94 -0.43
N ARG B 425 -3.10 -6.03 -1.19
CA ARG B 425 -2.68 -7.28 -1.82
C ARG B 425 -1.34 -7.76 -1.31
N ASP B 426 -0.34 -6.88 -1.26
CA ASP B 426 0.94 -7.19 -0.63
C ASP B 426 0.90 -6.68 0.80
N VAL B 427 0.97 -7.60 1.76
CA VAL B 427 0.83 -7.20 3.16
C VAL B 427 1.97 -6.30 3.62
N ARG B 428 3.13 -6.36 2.95
CA ARG B 428 4.20 -5.41 3.25
C ARG B 428 3.83 -3.98 2.87
N ASN B 429 2.82 -3.80 2.03
CA ASN B 429 2.28 -2.49 1.71
C ASN B 429 1.08 -2.13 2.57
N HIS B 430 0.95 -2.74 3.74
CA HIS B 430 -0.16 -2.43 4.63
C HIS B 430 -0.02 -1.00 5.14
N ALA B 431 -1.16 -0.32 5.29
CA ALA B 431 -1.13 1.11 5.59
C ALA B 431 -0.65 1.40 7.01
N LEU B 432 -0.83 0.47 7.93
CA LEU B 432 -0.51 0.72 9.32
C LEU B 432 0.90 0.27 9.71
N VAL B 433 1.70 -0.19 8.74
CA VAL B 433 3.10 -0.52 9.03
C VAL B 433 3.88 0.71 9.52
N PRO B 434 3.82 1.88 8.86
CA PRO B 434 4.55 3.03 9.39
C PRO B 434 4.08 3.45 10.78
N LEU B 435 2.80 3.30 11.08
CA LEU B 435 2.33 3.61 12.43
C LEU B 435 2.87 2.61 13.45
N ILE B 436 3.08 1.36 13.03
CA ILE B 436 3.80 0.41 13.88
C ILE B 436 5.22 0.91 14.12
N ALA B 437 5.88 1.36 13.05
CA ALA B 437 7.28 1.80 13.16
C ALA B 437 7.45 3.08 13.94
N ASP B 438 6.37 3.80 14.25
CA ASP B 438 6.44 5.01 15.07
C ASP B 438 5.76 4.82 16.43
N ASP B 439 5.61 3.57 16.87
CA ASP B 439 5.05 3.23 18.17
C ASP B 439 3.64 3.82 18.34
N TYR B 440 2.75 3.40 17.45
CA TYR B 440 1.36 3.77 17.67
C TYR B 440 0.62 2.64 18.37
N PRO B 441 -0.30 2.93 19.29
CA PRO B 441 -1.02 1.86 19.98
C PRO B 441 -1.86 1.00 19.04
N ILE B 442 -1.45 -0.25 18.84
CA ILE B 442 -2.16 -1.18 17.97
C ILE B 442 -2.25 -2.53 18.65
N VAL B 443 -3.24 -3.31 18.22
CA VAL B 443 -3.40 -4.69 18.66
C VAL B 443 -3.74 -5.55 17.45
N ILE B 444 -3.08 -6.69 17.33
CA ILE B 444 -3.29 -7.58 16.19
C ILE B 444 -4.42 -8.55 16.53
N SER B 445 -5.34 -8.73 15.57
CA SER B 445 -6.46 -9.65 15.75
C SER B 445 -6.71 -10.34 14.41
N SER B 446 -7.82 -11.08 14.34
CA SER B 446 -8.11 -11.91 13.18
C SER B 446 -9.42 -11.58 12.49
N ASP B 447 -10.24 -10.67 13.02
CA ASP B 447 -11.55 -10.36 12.46
C ASP B 447 -12.39 -11.62 12.42
N ASP B 448 -12.63 -12.17 11.23
CA ASP B 448 -13.36 -13.42 11.08
C ASP B 448 -12.40 -14.50 10.58
N PRO B 449 -11.66 -15.18 11.48
CA PRO B 449 -10.71 -16.20 11.01
C PRO B 449 -11.38 -17.41 10.36
N GLY B 450 -12.37 -17.97 11.04
CA GLY B 450 -13.02 -19.18 10.56
C GLY B 450 -13.63 -19.05 9.18
N ALA B 451 -13.94 -17.81 8.76
CA ALA B 451 -14.49 -17.60 7.44
C ALA B 451 -13.51 -18.00 6.36
N TRP B 452 -12.20 -17.74 6.56
CA TRP B 452 -11.20 -18.01 5.54
C TRP B 452 -10.15 -19.02 6.01
N GLU B 453 -10.54 -19.96 6.86
CA GLU B 453 -9.69 -21.07 7.29
C GLU B 453 -8.35 -20.57 7.85
N ALA B 454 -8.45 -19.68 8.83
CA ALA B 454 -7.27 -19.17 9.53
C ALA B 454 -7.29 -19.63 10.98
N SER B 455 -6.10 -19.85 11.52
CA SER B 455 -5.98 -20.21 12.92
C SER B 455 -6.46 -19.04 13.78
N PRO B 456 -6.91 -19.31 15.03
CA PRO B 456 -7.54 -18.26 15.85
C PRO B 456 -6.77 -16.95 15.87
N LEU B 457 -5.51 -16.97 16.26
CA LEU B 457 -4.68 -15.76 16.22
C LEU B 457 -3.28 -15.99 15.69
N SER B 458 -2.81 -17.23 15.58
CA SER B 458 -1.41 -17.48 15.20
C SER B 458 -1.11 -17.01 13.80
N HIS B 459 -2.03 -17.22 12.85
CA HIS B 459 -1.76 -16.87 11.46
C HIS B 459 -1.64 -15.36 11.27
N ASP B 460 -2.54 -14.59 11.87
CA ASP B 460 -2.43 -13.14 11.78
C ASP B 460 -1.16 -12.64 12.48
N PHE B 461 -0.78 -13.28 13.59
CA PHE B 461 0.47 -12.91 14.25
C PHE B 461 1.68 -13.19 13.37
N TYR B 462 1.68 -14.33 12.68
CA TYR B 462 2.79 -14.63 11.76
C TYR B 462 2.82 -13.64 10.60
N VAL B 463 1.65 -13.28 10.06
CA VAL B 463 1.61 -12.29 9.00
C VAL B 463 2.16 -10.95 9.50
N ALA B 464 1.80 -10.56 10.72
CA ALA B 464 2.34 -9.34 11.29
C ALA B 464 3.85 -9.42 11.47
N LEU B 465 4.35 -10.57 11.93
CA LEU B 465 5.78 -10.73 12.14
C LEU B 465 6.54 -10.61 10.83
N MET B 466 6.05 -11.26 9.78
CA MET B 466 6.81 -11.34 8.53
C MET B 466 6.50 -10.21 7.56
N ASP B 467 5.52 -9.36 7.84
CA ASP B 467 5.13 -8.32 6.88
C ASP B 467 4.99 -6.92 7.47
N LEU B 468 4.78 -6.77 8.78
CA LEU B 468 4.48 -5.47 9.35
C LEU B 468 5.63 -4.87 10.15
N CYS B 469 6.77 -5.56 10.26
CA CYS B 469 7.92 -5.04 10.98
C CYS B 469 9.19 -5.37 10.20
N GLY B 470 10.28 -4.69 10.57
CA GLY B 470 11.50 -4.76 9.81
C GLY B 470 12.26 -6.06 9.99
N ARG B 471 13.31 -6.20 9.19
CA ARG B 471 14.12 -7.42 9.15
C ARG B 471 14.76 -7.72 10.50
N ASP B 472 15.02 -6.68 11.31
CA ASP B 472 15.69 -6.84 12.60
C ASP B 472 14.70 -6.83 13.77
N THR B 473 13.46 -7.27 13.54
CA THR B 473 12.40 -7.22 14.55
C THR B 473 11.66 -8.55 14.56
N ALA B 474 11.86 -9.35 15.61
CA ALA B 474 11.15 -10.62 15.73
C ALA B 474 10.27 -10.70 16.98
N LEU B 475 10.83 -10.55 18.17
CA LEU B 475 10.13 -10.96 19.40
C LEU B 475 9.73 -9.81 20.29
N THR B 476 10.50 -8.73 20.35
CA THR B 476 10.04 -7.55 21.08
C THR B 476 8.71 -7.07 20.53
N PHE B 477 8.54 -7.14 19.21
CA PHE B 477 7.28 -6.74 18.58
C PHE B 477 6.13 -7.64 19.03
N LEU B 478 6.33 -8.95 19.03
CA LEU B 478 5.26 -9.87 19.42
C LEU B 478 4.90 -9.73 20.89
N LYS B 479 5.91 -9.59 21.75
CA LYS B 479 5.64 -9.40 23.17
C LYS B 479 4.91 -8.08 23.41
N GLN B 480 5.27 -7.03 22.65
CA GLN B 480 4.56 -5.77 22.78
C GLN B 480 3.12 -5.90 22.30
N LEU B 481 2.89 -6.69 21.25
CA LEU B 481 1.52 -6.94 20.80
C LEU B 481 0.71 -7.61 21.90
N ALA B 482 1.30 -8.62 22.54
CA ALA B 482 0.60 -9.32 23.62
C ALA B 482 0.32 -8.38 24.78
N LEU B 483 1.28 -7.51 25.13
CA LEU B 483 1.08 -6.58 26.24
C LEU B 483 0.01 -5.55 25.91
N ASN B 484 0.06 -4.97 24.70
CA ASN B 484 -0.95 -4.00 24.29
C ASN B 484 -2.32 -4.64 24.20
N SER B 485 -2.38 -5.94 23.93
CA SER B 485 -3.66 -6.63 23.90
C SER B 485 -4.34 -6.60 25.26
N ILE B 486 -3.56 -6.54 26.34
CA ILE B 486 -4.13 -6.44 27.68
C ILE B 486 -4.30 -4.98 28.10
N ARG B 487 -3.34 -4.12 27.79
CA ARG B 487 -3.47 -2.71 28.17
C ARG B 487 -4.67 -2.06 27.49
N TYR B 488 -4.86 -2.33 26.20
CA TYR B 488 -5.92 -1.70 25.42
C TYR B 488 -7.18 -2.55 25.34
N SER B 489 -7.37 -3.46 26.30
CA SER B 489 -8.62 -4.20 26.39
C SER B 489 -9.69 -3.33 27.03
N ALA B 490 -10.88 -3.90 27.22
CA ALA B 490 -11.97 -3.22 27.91
C ALA B 490 -12.06 -3.61 29.38
N MET B 491 -11.12 -4.42 29.87
CA MET B 491 -11.13 -4.83 31.27
C MET B 491 -10.86 -3.64 32.18
N SER B 492 -11.41 -3.70 33.39
CA SER B 492 -11.14 -2.69 34.40
C SER B 492 -9.67 -2.72 34.80
N ASP B 493 -9.23 -1.66 35.48
CA ASP B 493 -7.84 -1.59 35.91
C ASP B 493 -7.51 -2.72 36.89
N THR B 494 -8.46 -3.09 37.75
CA THR B 494 -8.23 -4.19 38.68
C THR B 494 -8.12 -5.53 37.95
N GLU B 495 -8.93 -5.72 36.89
CA GLU B 495 -8.91 -6.97 36.15
C GLU B 495 -7.69 -7.08 35.23
N LYS B 496 -7.17 -5.94 34.76
CA LYS B 496 -6.03 -5.98 33.85
C LYS B 496 -4.78 -6.53 34.53
N VAL B 497 -4.58 -6.21 35.80
CA VAL B 497 -3.41 -6.70 36.52
C VAL B 497 -3.46 -8.22 36.63
N ALA B 498 -4.61 -8.76 37.01
CA ALA B 498 -4.75 -10.22 37.12
C ALA B 498 -4.62 -10.89 35.76
N ALA B 499 -5.17 -10.27 34.72
CA ALA B 499 -5.04 -10.82 33.37
C ALA B 499 -3.58 -10.86 32.94
N LYS B 500 -2.84 -9.79 33.20
CA LYS B 500 -1.41 -9.80 32.90
C LYS B 500 -0.66 -10.82 33.74
N ALA B 501 -1.10 -11.06 34.98
CA ALA B 501 -0.47 -12.10 35.79
C ALA B 501 -0.65 -13.48 35.16
N LYS B 502 -1.87 -13.79 34.74
CA LYS B 502 -2.12 -15.07 34.06
C LYS B 502 -1.29 -15.18 32.79
N TRP B 503 -1.29 -14.12 31.98
CA TRP B 503 -0.54 -14.14 30.73
C TRP B 503 0.95 -14.29 30.98
N THR B 504 1.47 -13.63 32.02
CA THR B 504 2.89 -13.74 32.35
C THR B 504 3.24 -15.16 32.78
N THR B 505 2.37 -15.79 33.58
CA THR B 505 2.60 -17.19 33.94
C THR B 505 2.70 -18.07 32.70
N GLN B 506 1.72 -17.96 31.80
CA GLN B 506 1.73 -18.79 30.60
C GLN B 506 2.93 -18.46 29.71
N TRP B 507 3.26 -17.17 29.59
CA TRP B 507 4.37 -16.74 28.75
C TRP B 507 5.70 -17.26 29.28
N ASP B 508 5.90 -17.21 30.61
CA ASP B 508 7.12 -17.75 31.19
C ASP B 508 7.22 -19.25 30.99
N LYS B 509 6.09 -19.97 31.16
CA LYS B 509 6.13 -21.40 30.89
C LYS B 509 6.49 -21.68 29.44
N PHE B 510 5.91 -20.91 28.51
CA PHE B 510 6.19 -21.09 27.09
C PHE B 510 7.66 -20.82 26.77
N VAL B 511 8.20 -19.71 27.29
CA VAL B 511 9.60 -19.37 27.04
C VAL B 511 10.51 -20.45 27.60
N LYS B 512 10.24 -20.90 28.83
CA LYS B 512 11.08 -21.91 29.45
C LYS B 512 11.06 -23.21 28.67
N THR B 513 9.87 -23.67 28.27
CA THR B 513 9.78 -24.93 27.54
C THR B 513 10.44 -24.83 26.18
N SER B 514 10.20 -23.73 25.44
CA SER B 514 10.79 -23.59 24.11
C SER B 514 12.30 -23.50 24.18
N VAL B 515 12.83 -22.75 25.15
CA VAL B 515 14.28 -22.65 25.30
C VAL B 515 14.87 -23.99 25.68
N GLU B 516 14.24 -24.72 26.60
CA GLU B 516 14.76 -26.03 26.95
C GLU B 516 14.68 -27.00 25.78
N GLY B 517 13.74 -26.77 24.85
CA GLY B 517 13.67 -27.60 23.65
C GLY B 517 14.62 -27.21 22.55
N LEU B 518 15.15 -25.98 22.58
CA LEU B 518 16.05 -25.52 21.53
C LEU B 518 17.49 -25.31 22.00
N LYS B 519 17.69 -24.90 23.25
CA LYS B 519 19.01 -24.60 23.78
C LYS B 519 19.77 -25.89 24.09
N PRO B 520 21.03 -26.02 23.67
CA PRO B 520 21.82 -27.22 23.98
C PRO B 520 22.42 -27.14 25.38
N HIS B 521 21.89 -27.94 26.30
CA HIS B 521 22.48 -28.13 27.62
C HIS B 521 21.73 -29.21 28.39
#